data_8F7L
#
_entry.id   8F7L
#
_cell.length_a   60.888
_cell.length_b   106.997
_cell.length_c   83.603
_cell.angle_alpha   90.00
_cell.angle_beta   96.88
_cell.angle_gamma   90.00
#
_symmetry.space_group_name_H-M   'P 1 21 1'
#
loop_
_entity.id
_entity.type
_entity.pdbx_description
1 polymer 'Nicotinamide phosphoribosyltransferase'
2 non-polymer NICOTINAMIDE
3 non-polymer 'PHOSPHATE ION'
4 non-polymer (3S)-N-[(1-benzothiophen-5-yl)methyl]-1-[(2P)-2-(3-fluoro-4-methylphenyl)-2H-pyrazolo[3,4-d]pyrimidin-4-yl]piperidine-3-carboxamide
5 non-polymer 'CHLORIDE ION'
6 water water
#
_entity_poly.entity_id   1
_entity_poly.type   'polypeptide(L)'
_entity_poly.pdbx_seq_one_letter_code
;MNPAAEAEFNILLATDSYKVTHYKQYPPNTSKVYSYFECREKKTENSKLRKVKYEETVFYGLQYILNKYLKGKVVTKEKI
QEAKDVYKEHFQDDVFNEKGWNYILEKYDGHLPIEIKAVPEGFVIPRGNVLFTVENTDPECYWLTNWIETILVQSWYPIT
VATNSREQKKILAKYLLETSGNLDGLEYKLHDFGYRGVSSQETAGIGASAHLVNFKGTDTVAGLALIKKYYGTKDPVPGY
SVPAAEHSTITAWGKDHEKDAFEHIVTQFSSVPVSVVSDSYDIYNACEKIWGEDLRHLIVSRSTQAPLIIRPDSGNPLDT
VLKVLEILGKKFPVTENSKGYKLLPPYLRVIQGDGVDINTLQEIVEGMKQKMWSIENIAFGSGGGLLQKLTRDLLNCSFK
CSYVVTNGLGINVFKDPVADPNKRSKKGRLSLHRTPAGNFVTLEEGKGDLEEYGQDLLHTVFKNGKVTKSYSFDEIRKNA
QLNIELEAAHHLEHHHHHH
;
_entity_poly.pdbx_strand_id   A,B
#
loop_
_chem_comp.id
_chem_comp.type
_chem_comp.name
_chem_comp.formula
CL non-polymer 'CHLORIDE ION' 'Cl -1'
NCA non-polymer NICOTINAMIDE 'C6 H6 N2 O'
PO4 non-polymer 'PHOSPHATE ION' 'O4 P -3'
XI3 non-polymer (3S)-N-[(1-benzothiophen-5-yl)methyl]-1-[(2P)-2-(3-fluoro-4-methylphenyl)-2H-pyrazolo[3,4-d]pyrimidin-4-yl]piperidine-3-carboxamide 'C27 H25 F N6 O S'
#
# COMPACT_ATOMS: atom_id res chain seq x y z
N GLU A 8 -9.08 19.93 -1.85
CA GLU A 8 -9.17 19.72 -0.41
C GLU A 8 -9.85 18.39 -0.08
N PHE A 9 -9.50 17.83 1.08
CA PHE A 9 -10.05 16.55 1.50
C PHE A 9 -11.47 16.73 2.02
N ASN A 10 -12.35 15.82 1.61
CA ASN A 10 -13.77 15.86 2.00
C ASN A 10 -14.12 14.55 2.68
N ILE A 11 -14.35 14.60 4.01
CA ILE A 11 -14.66 13.41 4.78
C ILE A 11 -16.00 12.80 4.38
N LEU A 12 -16.86 13.61 3.76
CA LEU A 12 -18.14 13.14 3.25
C LEU A 12 -17.89 12.14 2.13
N LEU A 13 -16.79 12.31 1.41
CA LEU A 13 -16.38 11.45 0.31
C LEU A 13 -15.27 10.47 0.69
N ALA A 14 -15.01 10.34 1.98
CA ALA A 14 -13.95 9.47 2.48
C ALA A 14 -14.46 8.21 3.18
N THR A 15 -15.46 7.56 2.60
CA THR A 15 -16.05 6.35 3.15
C THR A 15 -16.45 5.33 2.07
N ASP A 16 -16.71 4.10 2.47
CA ASP A 16 -17.19 3.08 1.53
C ASP A 16 -18.58 3.54 1.04
N SER A 17 -18.87 3.33 -0.24
CA SER A 17 -20.11 3.82 -0.85
C SER A 17 -21.38 3.38 -0.15
N TYR A 18 -21.44 2.12 0.28
CA TYR A 18 -22.61 1.57 0.96
C TYR A 18 -22.96 2.26 2.28
N LYS A 19 -21.98 2.83 2.97
CA LYS A 19 -22.13 3.55 4.23
C LYS A 19 -23.01 4.80 4.12
N VAL A 20 -23.10 5.31 2.91
CA VAL A 20 -23.95 6.43 2.58
C VAL A 20 -25.39 6.00 2.82
N THR A 21 -25.73 4.76 2.49
CA THR A 21 -27.08 4.22 2.66
C THR A 21 -27.39 3.59 4.02
N HIS A 22 -26.40 3.53 4.90
CA HIS A 22 -26.55 2.91 6.23
C HIS A 22 -27.53 3.53 7.23
N TYR A 23 -27.72 4.84 7.19
CA TYR A 23 -28.63 5.54 8.10
C TYR A 23 -30.10 5.08 8.01
N LYS A 24 -30.53 4.61 6.85
CA LYS A 24 -31.86 4.08 6.62
C LYS A 24 -31.97 2.61 7.01
N GLN A 25 -30.90 2.02 7.51
CA GLN A 25 -30.89 0.58 7.84
C GLN A 25 -30.93 0.19 9.32
N TYR A 26 -30.56 1.14 10.17
CA TYR A 26 -30.61 0.98 11.62
C TYR A 26 -32.03 0.85 12.13
N PRO A 27 -32.24 0.12 13.20
CA PRO A 27 -33.57 0.06 13.77
C PRO A 27 -34.09 1.47 14.07
N PRO A 28 -35.39 1.74 13.90
CA PRO A 28 -35.96 3.05 14.25
C PRO A 28 -35.68 3.46 15.71
N ASN A 29 -35.38 4.74 15.95
CA ASN A 29 -35.14 5.25 17.32
C ASN A 29 -33.80 4.74 17.86
N THR A 30 -32.76 4.67 17.03
CA THR A 30 -31.42 4.29 17.53
C THR A 30 -30.72 5.58 17.96
N SER A 31 -30.29 5.66 19.22
CA SER A 31 -29.69 6.90 19.77
C SER A 31 -28.17 6.78 19.82
N LYS A 32 -27.68 5.54 19.96
CA LYS A 32 -26.21 5.35 20.13
C LYS A 32 -25.68 4.15 19.35
N VAL A 33 -24.56 4.34 18.67
CA VAL A 33 -23.85 3.23 18.04
C VAL A 33 -22.43 3.25 18.57
N TYR A 34 -22.00 2.12 19.13
CA TYR A 34 -20.70 1.98 19.79
C TYR A 34 -19.92 0.87 19.10
N SER A 35 -18.67 1.15 18.74
CA SER A 35 -17.87 0.23 17.95
C SER A 35 -16.42 0.25 18.44
N TYR A 36 -15.71 -0.85 18.16
CA TYR A 36 -14.35 -1.03 18.67
C TYR A 36 -13.46 -1.64 17.59
N PHE A 37 -12.15 -1.53 17.81
CA PHE A 37 -11.14 -2.04 16.89
C PHE A 37 -10.26 -3.04 17.63
N GLU A 38 -9.97 -4.17 16.99
CA GLU A 38 -9.10 -5.17 17.60
C GLU A 38 -8.28 -5.87 16.51
N CYS A 39 -7.17 -6.47 16.93
CA CYS A 39 -6.39 -7.39 16.11
C CYS A 39 -6.76 -8.80 16.55
N ARG A 40 -7.70 -9.40 15.84
CA ARG A 40 -8.34 -10.63 16.27
C ARG A 40 -7.35 -11.78 16.40
N GLU A 41 -7.62 -12.67 17.35
CA GLU A 41 -6.83 -13.88 17.50
C GLU A 41 -7.15 -14.88 16.38
N LYS A 42 -6.14 -15.65 16.00
CA LYS A 42 -6.34 -16.76 15.06
C LYS A 42 -5.78 -18.06 15.63
N LYS A 53 4.23 -15.86 14.78
CA LYS A 53 2.81 -15.90 15.14
C LYS A 53 2.18 -14.53 15.35
N TYR A 54 2.97 -13.49 15.61
CA TYR A 54 2.46 -12.13 15.84
C TYR A 54 1.48 -12.10 17.02
N GLU A 55 1.97 -12.52 18.17
CA GLU A 55 1.13 -12.64 19.36
C GLU A 55 0.85 -11.30 20.03
N GLU A 56 1.54 -10.23 19.65
CA GLU A 56 1.36 -8.94 20.29
C GLU A 56 1.64 -7.84 19.27
N THR A 57 0.82 -6.78 19.31
CA THR A 57 0.88 -5.72 18.31
C THR A 57 1.24 -4.39 18.96
N VAL A 58 1.94 -3.56 18.18
CA VAL A 58 2.24 -2.19 18.58
C VAL A 58 1.10 -1.30 18.10
N PHE A 59 0.49 -0.56 19.04
CA PHE A 59 -0.54 0.39 18.66
C PHE A 59 0.13 1.70 18.24
N TYR A 60 0.02 2.04 16.96
CA TYR A 60 0.62 3.27 16.45
C TYR A 60 -0.12 3.71 15.21
N GLY A 61 -0.36 5.02 15.09
CA GLY A 61 -0.84 5.62 13.86
C GLY A 61 -2.15 6.36 13.99
N LEU A 62 -2.93 6.10 15.04
CA LEU A 62 -4.24 6.74 15.18
C LEU A 62 -4.11 8.25 15.27
N GLN A 63 -3.10 8.74 15.99
CA GLN A 63 -2.95 10.18 16.22
C GLN A 63 -2.75 10.93 14.90
N TYR A 64 -2.05 10.33 13.94
CA TYR A 64 -1.94 10.90 12.61
C TYR A 64 -3.31 11.14 11.99
N ILE A 65 -4.18 10.13 12.09
CA ILE A 65 -5.49 10.17 11.44
C ILE A 65 -6.41 11.17 12.13
N LEU A 66 -6.37 11.24 13.45
CA LEU A 66 -7.20 12.19 14.19
C LEU A 66 -6.91 13.62 13.78
N ASN A 67 -5.63 13.97 13.63
CA ASN A 67 -5.24 15.34 13.32
C ASN A 67 -5.44 15.66 11.84
N LYS A 68 -5.03 14.74 10.95
CA LYS A 68 -5.05 15.05 9.53
C LYS A 68 -6.47 15.08 8.98
N TYR A 69 -7.36 14.23 9.50
CA TYR A 69 -8.63 13.98 8.83
C TYR A 69 -9.87 14.24 9.69
N LEU A 70 -9.79 14.11 11.01
CA LEU A 70 -10.99 14.10 11.84
C LEU A 70 -11.20 15.35 12.67
N LYS A 71 -10.14 16.05 13.06
CA LYS A 71 -10.30 17.17 13.99
C LYS A 71 -10.66 18.46 13.24
N GLY A 72 -11.30 19.38 13.96
CA GLY A 72 -11.62 20.68 13.43
C GLY A 72 -12.92 20.71 12.64
N LYS A 73 -13.08 21.79 11.89
CA LYS A 73 -14.25 21.97 11.02
C LYS A 73 -14.03 21.12 9.78
N VAL A 74 -14.63 19.93 9.78
CA VAL A 74 -14.51 19.02 8.65
C VAL A 74 -15.72 19.04 7.73
N VAL A 75 -16.77 19.79 8.09
CA VAL A 75 -17.99 19.87 7.30
C VAL A 75 -18.21 21.32 6.89
N THR A 76 -18.48 21.55 5.61
CA THR A 76 -18.84 22.86 5.09
C THR A 76 -19.99 22.70 4.11
N LYS A 77 -20.61 23.82 3.73
CA LYS A 77 -21.72 23.79 2.79
C LYS A 77 -21.27 23.29 1.42
N GLU A 78 -20.09 23.72 0.97
CA GLU A 78 -19.55 23.25 -0.30
C GLU A 78 -19.31 21.75 -0.26
N LYS A 79 -18.74 21.26 0.83
CA LYS A 79 -18.46 19.83 0.95
C LYS A 79 -19.75 19.03 0.98
N ILE A 80 -20.80 19.56 1.61
CA ILE A 80 -22.11 18.91 1.56
C ILE A 80 -22.61 18.89 0.13
N GLN A 81 -22.47 20.01 -0.59
CA GLN A 81 -23.00 20.10 -1.94
C GLN A 81 -22.23 19.19 -2.90
N GLU A 82 -20.91 19.11 -2.76
CA GLU A 82 -20.14 18.23 -3.64
C GLU A 82 -20.46 16.76 -3.39
N ALA A 83 -20.60 16.37 -2.11
CA ALA A 83 -21.02 15.01 -1.81
C ALA A 83 -22.39 14.72 -2.38
N LYS A 84 -23.33 15.67 -2.25
CA LYS A 84 -24.63 15.55 -2.89
C LYS A 84 -24.47 15.18 -4.35
N ASP A 85 -23.82 16.07 -5.12
CA ASP A 85 -23.75 15.89 -6.58
C ASP A 85 -23.08 14.58 -6.96
N VAL A 86 -22.00 14.20 -6.27
CA VAL A 86 -21.30 12.96 -6.61
C VAL A 86 -22.19 11.75 -6.36
N TYR A 87 -22.80 11.69 -5.19
CA TYR A 87 -23.56 10.49 -4.82
C TYR A 87 -24.82 10.33 -5.65
N LYS A 88 -25.39 11.43 -6.13
CA LYS A 88 -26.59 11.33 -7.01
C LYS A 88 -26.25 10.49 -8.25
N GLU A 89 -25.11 10.74 -8.87
CA GLU A 89 -24.71 10.01 -10.07
C GLU A 89 -24.09 8.67 -9.74
N HIS A 90 -23.38 8.58 -8.61
CA HIS A 90 -22.72 7.33 -8.24
C HIS A 90 -23.75 6.22 -7.99
N PHE A 91 -24.82 6.55 -7.28
CA PHE A 91 -25.92 5.61 -7.05
C PHE A 91 -27.03 5.71 -8.09
N GLN A 92 -26.98 6.72 -8.96
CA GLN A 92 -28.08 7.01 -9.88
C GLN A 92 -29.39 7.21 -9.11
N ASP A 93 -29.30 7.87 -7.97
CA ASP A 93 -30.46 8.09 -7.11
C ASP A 93 -30.07 9.01 -5.95
N ASP A 94 -31.07 9.48 -5.24
CA ASP A 94 -30.90 10.36 -4.08
C ASP A 94 -31.04 9.55 -2.80
N VAL A 95 -29.90 9.15 -2.24
CA VAL A 95 -29.85 8.44 -0.97
C VAL A 95 -28.97 9.15 0.05
N PHE A 96 -28.26 10.20 -0.35
CA PHE A 96 -27.35 10.90 0.56
C PHE A 96 -28.09 11.58 1.70
N ASN A 97 -27.55 11.44 2.90
CA ASN A 97 -28.14 12.04 4.11
C ASN A 97 -27.65 13.49 4.26
N GLU A 98 -28.23 14.35 3.41
CA GLU A 98 -27.87 15.76 3.44
C GLU A 98 -28.34 16.44 4.72
N LYS A 99 -29.45 15.96 5.30
CA LYS A 99 -29.97 16.56 6.52
C LYS A 99 -29.00 16.36 7.69
N GLY A 100 -28.57 15.12 7.92
CA GLY A 100 -27.70 14.83 9.05
C GLY A 100 -26.37 15.55 8.98
N TRP A 101 -25.82 15.71 7.78
CA TRP A 101 -24.58 16.47 7.64
C TRP A 101 -24.82 17.96 7.82
N ASN A 102 -26.01 18.45 7.45
CA ASN A 102 -26.35 19.84 7.75
C ASN A 102 -26.57 20.06 9.24
N TYR A 103 -27.09 19.05 9.94
CA TYR A 103 -27.22 19.13 11.39
C TYR A 103 -25.86 19.33 12.04
N ILE A 104 -24.84 18.59 11.59
CA ILE A 104 -23.52 18.70 12.19
C ILE A 104 -22.90 20.05 11.88
N LEU A 105 -23.08 20.54 10.65
CA LEU A 105 -22.57 21.86 10.29
C LEU A 105 -23.17 22.94 11.19
N GLU A 106 -24.50 22.99 11.26
CA GLU A 106 -25.16 24.10 11.96
C GLU A 106 -25.00 23.97 13.48
N LYS A 107 -25.06 22.75 14.02
CA LYS A 107 -25.07 22.62 15.47
C LYS A 107 -23.67 22.66 16.06
N TYR A 108 -22.68 22.07 15.38
CA TYR A 108 -21.34 21.94 15.96
C TYR A 108 -20.27 22.66 15.15
N ASP A 109 -20.67 23.59 14.28
CA ASP A 109 -19.74 24.29 13.40
C ASP A 109 -18.83 23.31 12.66
N GLY A 110 -19.41 22.23 12.16
CA GLY A 110 -18.67 21.27 11.37
C GLY A 110 -17.77 20.34 12.14
N HIS A 111 -17.84 20.33 13.47
CA HIS A 111 -17.04 19.42 14.28
C HIS A 111 -17.80 18.13 14.52
N LEU A 112 -17.09 17.01 14.46
CA LEU A 112 -17.73 15.70 14.57
C LEU A 112 -18.12 15.40 16.00
N PRO A 113 -19.39 15.11 16.30
CA PRO A 113 -19.82 14.67 17.64
C PRO A 113 -19.52 13.19 17.90
N ILE A 114 -18.24 12.91 18.15
CA ILE A 114 -17.71 11.57 18.26
C ILE A 114 -16.77 11.52 19.46
N GLU A 115 -16.81 10.43 20.21
CA GLU A 115 -15.81 10.17 21.25
C GLU A 115 -15.02 8.92 20.88
N ILE A 116 -13.69 9.05 20.89
CA ILE A 116 -12.79 7.94 20.62
C ILE A 116 -11.88 7.76 21.83
N LYS A 117 -11.88 6.55 22.40
CA LYS A 117 -10.97 6.17 23.47
C LYS A 117 -9.97 5.16 22.93
N ALA A 118 -8.71 5.27 23.36
CA ALA A 118 -7.66 4.45 22.78
C ALA A 118 -6.60 4.10 23.82
N VAL A 119 -5.94 2.97 23.61
CA VAL A 119 -4.75 2.58 24.36
C VAL A 119 -3.64 3.55 23.95
N PRO A 120 -2.69 3.87 24.83
CA PRO A 120 -1.64 4.82 24.43
C PRO A 120 -0.80 4.29 23.28
N GLU A 121 -0.38 5.21 22.41
CA GLU A 121 0.38 4.83 21.23
C GLU A 121 1.77 4.34 21.64
N GLY A 122 2.22 3.27 20.98
CA GLY A 122 3.43 2.59 21.33
C GLY A 122 3.23 1.37 22.21
N PHE A 123 2.06 1.27 22.85
CA PHE A 123 1.79 0.14 23.73
C PHE A 123 1.84 -1.17 22.95
N VAL A 124 2.38 -2.21 23.58
CA VAL A 124 2.47 -3.54 23.00
C VAL A 124 1.40 -4.41 23.65
N ILE A 125 0.38 -4.77 22.89
CA ILE A 125 -0.84 -5.38 23.42
C ILE A 125 -1.01 -6.74 22.76
N PRO A 126 -1.34 -7.79 23.53
CA PRO A 126 -1.60 -9.10 22.92
C PRO A 126 -2.83 -9.09 22.02
N ARG A 127 -2.84 -10.04 21.08
CA ARG A 127 -3.93 -10.16 20.12
C ARG A 127 -5.27 -10.30 20.83
N GLY A 128 -6.32 -9.83 20.17
CA GLY A 128 -7.66 -10.03 20.65
C GLY A 128 -8.10 -9.10 21.77
N ASN A 129 -7.46 -7.95 21.91
CA ASN A 129 -7.84 -6.98 22.93
C ASN A 129 -8.34 -5.70 22.28
N VAL A 130 -9.24 -5.02 22.97
CA VAL A 130 -9.73 -3.74 22.47
C VAL A 130 -8.59 -2.73 22.45
N LEU A 131 -8.41 -2.08 21.29
CA LEU A 131 -7.36 -1.07 21.11
C LEU A 131 -7.91 0.34 21.05
N PHE A 132 -9.06 0.54 20.40
CA PHE A 132 -9.79 1.79 20.54
C PHE A 132 -11.27 1.53 20.29
N THR A 133 -12.09 2.45 20.80
CA THR A 133 -13.54 2.40 20.66
C THR A 133 -14.03 3.72 20.09
N VAL A 134 -15.17 3.66 19.41
CA VAL A 134 -15.77 4.83 18.79
C VAL A 134 -17.25 4.85 19.11
N GLU A 135 -17.77 6.04 19.46
CA GLU A 135 -19.17 6.21 19.72
C GLU A 135 -19.57 7.66 19.43
N ASN A 136 -20.84 7.86 19.12
CA ASN A 136 -21.38 9.19 18.88
C ASN A 136 -21.81 9.83 20.20
N THR A 137 -21.64 11.15 20.27
CA THR A 137 -22.00 11.91 21.47
C THR A 137 -23.31 12.67 21.32
N ASP A 138 -23.98 12.54 20.18
CA ASP A 138 -25.27 13.17 19.94
C ASP A 138 -26.20 12.10 19.40
N PRO A 139 -27.40 11.93 19.98
CA PRO A 139 -28.34 10.93 19.46
C PRO A 139 -28.63 11.08 17.98
N GLU A 140 -28.65 12.32 17.48
CA GLU A 140 -28.97 12.56 16.08
C GLU A 140 -27.91 12.04 15.13
N CYS A 141 -26.69 11.84 15.62
CA CYS A 141 -25.57 11.39 14.79
C CYS A 141 -25.23 9.93 15.05
N TYR A 142 -26.24 9.11 15.31
CA TYR A 142 -26.04 7.68 15.56
C TYR A 142 -25.36 6.98 14.38
N TRP A 143 -25.55 7.50 13.17
CA TRP A 143 -24.96 6.93 11.96
C TRP A 143 -23.50 7.29 11.77
N LEU A 144 -22.99 8.25 12.53
CA LEU A 144 -21.66 8.79 12.27
C LEU A 144 -20.55 7.85 12.72
N THR A 145 -20.80 7.05 13.76
CA THR A 145 -19.82 6.10 14.27
C THR A 145 -19.22 5.26 13.15
N ASN A 146 -20.07 4.57 12.40
CA ASN A 146 -19.62 3.65 11.37
C ASN A 146 -19.29 4.35 10.05
N TRP A 147 -19.77 5.58 9.86
CA TRP A 147 -19.34 6.36 8.69
C TRP A 147 -17.82 6.47 8.64
N ILE A 148 -17.18 6.70 9.79
CA ILE A 148 -15.74 6.93 9.85
C ILE A 148 -15.00 5.62 10.11
N GLU A 149 -15.69 4.49 9.95
CA GLU A 149 -15.00 3.21 10.08
C GLU A 149 -13.86 3.10 9.08
N THR A 150 -14.13 3.45 7.81
CA THR A 150 -13.15 3.21 6.76
C THR A 150 -11.88 4.00 7.00
N ILE A 151 -12.01 5.28 7.39
CA ILE A 151 -10.84 6.09 7.71
C ILE A 151 -10.06 5.48 8.86
N LEU A 152 -10.76 5.10 9.93
CA LEU A 152 -10.10 4.61 11.14
C LEU A 152 -9.45 3.25 10.93
N VAL A 153 -10.06 2.38 10.12
CA VAL A 153 -9.54 1.04 9.95
C VAL A 153 -8.19 1.03 9.23
N GLN A 154 -7.89 2.06 8.44
CA GLN A 154 -6.58 2.17 7.81
C GLN A 154 -5.44 2.30 8.82
N SER A 155 -5.74 2.43 10.11
CA SER A 155 -4.70 2.33 11.13
C SER A 155 -4.08 0.95 11.18
N TRP A 156 -4.74 -0.06 10.58
CA TRP A 156 -4.14 -1.38 10.46
C TRP A 156 -2.74 -1.31 9.88
N TYR A 157 -2.49 -0.36 8.99
CA TYR A 157 -1.25 -0.36 8.24
C TYR A 157 -0.10 0.13 9.11
N PRO A 158 -0.17 1.31 9.74
CA PRO A 158 0.89 1.68 10.69
C PRO A 158 1.04 0.69 11.82
N ILE A 159 -0.05 0.05 12.26
CA ILE A 159 0.06 -0.97 13.30
C ILE A 159 0.84 -2.16 12.80
N THR A 160 0.57 -2.59 11.56
CA THR A 160 1.19 -3.80 11.05
C THR A 160 2.67 -3.56 10.70
N VAL A 161 3.00 -2.37 10.18
CA VAL A 161 4.40 -2.05 9.92
C VAL A 161 5.18 -2.03 11.23
N ALA A 162 4.67 -1.30 12.23
CA ALA A 162 5.35 -1.20 13.51
C ALA A 162 5.50 -2.57 14.16
N THR A 163 4.45 -3.39 14.10
CA THR A 163 4.51 -4.71 14.70
C THR A 163 5.49 -5.61 13.96
N ASN A 164 5.39 -5.65 12.62
CA ASN A 164 6.28 -6.52 11.84
C ASN A 164 7.73 -6.06 11.96
N SER A 165 7.95 -4.75 12.03
CA SER A 165 9.32 -4.25 12.20
C SER A 165 9.87 -4.61 13.58
N ARG A 166 9.06 -4.46 14.62
CA ARG A 166 9.51 -4.80 15.96
C ARG A 166 9.80 -6.30 16.09
N GLU A 167 9.03 -7.14 15.39
CA GLU A 167 9.31 -8.57 15.42
C GLU A 167 10.67 -8.88 14.79
N GLN A 168 11.04 -8.16 13.74
CA GLN A 168 12.35 -8.38 13.13
C GLN A 168 13.45 -7.90 14.08
N LYS A 169 13.22 -6.80 14.79
CA LYS A 169 14.16 -6.35 15.80
C LYS A 169 14.36 -7.40 16.87
N LYS A 170 13.30 -8.14 17.22
CA LYS A 170 13.40 -9.23 18.18
C LYS A 170 14.40 -10.27 17.70
N ILE A 171 14.26 -10.72 16.46
CA ILE A 171 15.21 -11.67 15.87
C ILE A 171 16.61 -11.08 15.90
N LEU A 172 16.76 -9.84 15.47
CA LEU A 172 18.08 -9.23 15.39
C LEU A 172 18.72 -9.12 16.77
N ALA A 173 17.92 -8.78 17.79
CA ALA A 173 18.47 -8.64 19.13
C ALA A 173 18.92 -9.98 19.69
N LYS A 174 18.20 -11.05 19.37
CA LYS A 174 18.55 -12.38 19.88
C LYS A 174 19.91 -12.83 19.36
N TYR A 175 20.18 -12.64 18.07
CA TYR A 175 21.41 -13.14 17.49
C TYR A 175 22.58 -12.17 17.69
N LEU A 176 22.30 -10.86 17.75
CA LEU A 176 23.34 -9.91 18.14
C LEU A 176 23.84 -10.21 19.54
N LEU A 177 22.92 -10.41 20.49
CA LEU A 177 23.31 -10.73 21.86
C LEU A 177 24.04 -12.06 21.93
N GLU A 178 23.65 -13.03 21.09
CA GLU A 178 24.29 -14.34 21.12
C GLU A 178 25.69 -14.29 20.56
N THR A 179 25.93 -13.47 19.53
CA THR A 179 27.21 -13.50 18.84
C THR A 179 28.19 -12.42 19.29
N SER A 180 27.72 -11.36 19.95
CA SER A 180 28.59 -10.27 20.36
C SER A 180 28.61 -9.99 21.85
N GLY A 181 27.61 -10.43 22.60
CA GLY A 181 27.55 -10.19 24.03
C GLY A 181 26.75 -8.97 24.44
N ASN A 182 26.23 -8.20 23.51
CA ASN A 182 25.49 -6.99 23.83
C ASN A 182 24.60 -6.65 22.64
N LEU A 183 23.96 -5.47 22.71
CA LEU A 183 22.99 -5.03 21.71
C LEU A 183 23.41 -3.71 21.07
N ASP A 184 24.70 -3.43 21.05
CA ASP A 184 25.19 -2.20 20.48
C ASP A 184 24.92 -2.12 18.98
N GLY A 185 24.33 -1.00 18.59
CA GLY A 185 23.99 -0.75 17.21
C GLY A 185 22.75 -1.47 16.71
N LEU A 186 21.98 -2.06 17.62
CA LEU A 186 20.80 -2.82 17.24
C LEU A 186 19.78 -1.98 16.50
N GLU A 187 19.58 -0.74 16.94
CA GLU A 187 18.62 0.18 16.33
C GLU A 187 18.89 0.63 14.89
N TYR A 188 20.11 0.43 14.40
CA TYR A 188 20.50 0.68 13.04
C TYR A 188 20.63 -0.63 12.22
N LYS A 189 20.11 -1.77 12.67
CA LYS A 189 20.35 -3.02 11.94
C LYS A 189 19.33 -3.32 10.86
N LEU A 190 18.20 -2.61 10.81
CA LEU A 190 17.19 -2.79 9.78
C LEU A 190 16.86 -1.43 9.19
N HIS A 191 17.24 -1.21 7.94
CA HIS A 191 17.15 0.10 7.29
C HIS A 191 16.02 0.10 6.28
N ASP A 192 15.23 1.16 6.32
CA ASP A 192 14.06 1.32 5.41
C ASP A 192 14.51 1.68 3.99
N PHE A 193 14.26 0.79 3.02
CA PHE A 193 14.59 1.04 1.59
C PHE A 193 13.30 0.98 0.77
N GLY A 194 12.13 1.18 1.36
CA GLY A 194 10.85 0.94 0.65
C GLY A 194 10.16 2.12 -0.01
N TYR A 195 10.78 3.26 -0.14
CA TYR A 195 10.06 4.40 -0.66
C TYR A 195 9.48 4.15 -2.07
N ARG A 196 10.29 3.60 -2.95
CA ARG A 196 9.84 3.32 -4.30
C ARG A 196 8.87 2.16 -4.38
N GLY A 197 8.98 1.24 -3.41
CA GLY A 197 8.21 0.02 -3.45
C GLY A 197 6.83 0.08 -2.83
N VAL A 198 6.39 1.24 -2.36
CA VAL A 198 5.08 1.37 -1.76
C VAL A 198 4.10 1.95 -2.78
N SER A 199 2.83 2.02 -2.39
CA SER A 199 1.75 2.35 -3.31
C SER A 199 1.56 3.84 -3.51
N SER A 200 2.14 4.69 -2.67
CA SER A 200 1.94 6.13 -2.81
C SER A 200 2.89 6.87 -1.88
N GLN A 201 2.91 8.20 -2.05
CA GLN A 201 3.69 9.07 -1.18
C GLN A 201 3.17 9.04 0.25
N GLU A 202 1.84 9.11 0.43
CA GLU A 202 1.28 9.11 1.78
C GLU A 202 1.59 7.81 2.51
N THR A 203 1.48 6.67 1.80
CA THR A 203 1.87 5.39 2.38
C THR A 203 3.33 5.40 2.83
N ALA A 204 4.21 5.97 2.00
CA ALA A 204 5.64 6.00 2.35
C ALA A 204 5.86 6.72 3.67
N GLY A 205 5.19 7.87 3.86
CA GLY A 205 5.37 8.59 5.11
C GLY A 205 4.86 7.81 6.31
N ILE A 206 3.66 7.27 6.20
CA ILE A 206 3.07 6.52 7.32
C ILE A 206 3.92 5.29 7.65
N GLY A 207 4.29 4.53 6.63
CA GLY A 207 5.02 3.30 6.86
C GLY A 207 6.41 3.54 7.41
N ALA A 208 7.10 4.57 6.89
CA ALA A 208 8.44 4.86 7.37
C ALA A 208 8.43 5.30 8.82
N SER A 209 7.40 6.06 9.21
CA SER A 209 7.29 6.49 10.61
C SER A 209 7.02 5.29 11.52
N ALA A 210 6.22 4.33 11.06
CA ALA A 210 5.97 3.14 11.84
C ALA A 210 7.23 2.29 12.00
N HIS A 211 8.11 2.31 11.00
CA HIS A 211 9.41 1.65 11.13
C HIS A 211 10.28 2.38 12.16
N LEU A 212 10.24 3.72 12.16
CA LEU A 212 11.09 4.50 13.05
C LEU A 212 10.67 4.38 14.51
N VAL A 213 9.52 3.77 14.79
CA VAL A 213 9.15 3.46 16.17
C VAL A 213 10.15 2.48 16.78
N ASN A 214 10.74 1.61 15.96
CA ASN A 214 11.64 0.56 16.43
C ASN A 214 13.11 0.79 16.07
N PHE A 215 13.40 1.46 14.98
CA PHE A 215 14.75 1.63 14.47
C PHE A 215 15.01 3.10 14.19
N LYS A 216 16.26 3.41 13.83
CA LYS A 216 16.64 4.77 13.51
C LYS A 216 17.06 4.97 12.06
N GLY A 217 17.17 3.91 11.26
CA GLY A 217 17.68 4.01 9.91
C GLY A 217 16.58 4.03 8.88
N THR A 218 16.61 5.05 8.02
CA THR A 218 15.62 5.16 6.97
C THR A 218 16.18 5.95 5.79
N ASP A 219 15.78 5.53 4.59
CA ASP A 219 15.97 6.32 3.38
C ASP A 219 14.68 6.94 2.89
N THR A 220 13.54 6.58 3.47
CA THR A 220 12.24 7.14 3.11
C THR A 220 12.09 8.46 3.85
N VAL A 221 12.51 9.55 3.18
CA VAL A 221 12.57 10.87 3.81
C VAL A 221 11.20 11.32 4.31
N ALA A 222 10.13 10.94 3.61
CA ALA A 222 8.79 11.42 3.95
C ALA A 222 8.35 11.03 5.35
N GLY A 223 8.98 10.03 5.97
CA GLY A 223 8.61 9.67 7.33
C GLY A 223 9.02 10.73 8.34
N LEU A 224 10.15 11.39 8.09
CA LEU A 224 10.65 12.37 9.06
C LEU A 224 9.68 13.53 9.22
N ALA A 225 9.17 14.02 8.09
CA ALA A 225 8.23 15.13 8.09
C ALA A 225 6.94 14.78 8.82
N LEU A 226 6.45 13.57 8.61
CA LEU A 226 5.22 13.16 9.26
C LEU A 226 5.38 13.13 10.78
N ILE A 227 6.51 12.60 11.23
CA ILE A 227 6.77 12.49 12.65
C ILE A 227 6.87 13.84 13.34
N LYS A 228 7.60 14.76 12.72
CA LYS A 228 7.79 16.09 13.29
C LYS A 228 6.46 16.83 13.39
N LYS A 229 5.69 16.75 12.31
CA LYS A 229 4.39 17.38 12.21
C LYS A 229 3.28 16.84 13.12
N TYR A 230 3.21 15.52 13.25
CA TYR A 230 2.16 14.89 14.03
C TYR A 230 2.50 14.29 15.39
N TYR A 231 3.77 14.00 15.63
CA TYR A 231 4.18 13.40 16.90
C TYR A 231 5.25 14.18 17.67
N GLY A 232 6.36 14.46 16.99
CA GLY A 232 7.46 15.23 17.54
C GLY A 232 8.54 14.43 18.24
N THR A 233 9.75 14.98 18.25
CA THR A 233 10.89 14.36 18.90
C THR A 233 11.82 15.41 19.51
N LYS A 234 12.53 15.03 20.56
CA LYS A 234 13.49 15.93 21.21
C LYS A 234 14.60 16.28 20.23
N ASP A 235 15.09 15.25 19.55
CA ASP A 235 16.15 15.38 18.55
C ASP A 235 15.64 16.04 17.27
N PRO A 236 16.54 16.71 16.54
CA PRO A 236 16.20 17.41 15.29
C PRO A 236 15.70 16.46 14.18
N VAL A 237 16.34 15.30 14.04
CA VAL A 237 15.95 14.35 12.99
C VAL A 237 15.52 12.99 13.53
N PRO A 238 14.34 12.52 13.12
CA PRO A 238 13.76 11.23 13.50
C PRO A 238 14.56 10.02 13.02
N GLY A 239 15.06 10.07 11.79
CA GLY A 239 15.81 8.98 11.20
C GLY A 239 17.10 9.44 10.54
N TYR A 240 18.08 8.54 10.45
CA TYR A 240 19.35 8.89 9.83
C TYR A 240 19.77 8.00 8.65
N SER A 241 20.67 8.52 7.82
CA SER A 241 21.18 7.82 6.64
C SER A 241 22.64 8.15 6.33
N VAL A 242 23.28 7.35 5.47
CA VAL A 242 24.67 7.56 5.08
C VAL A 242 24.73 7.69 3.57
N PRO A 243 25.82 8.24 3.03
CA PRO A 243 25.99 8.24 1.58
C PRO A 243 26.05 6.82 1.03
N ALA A 244 25.48 6.63 -0.15
CA ALA A 244 25.44 5.29 -0.73
C ALA A 244 25.29 5.41 -2.24
N ALA A 245 25.86 4.43 -2.94
CA ALA A 245 25.77 4.35 -4.39
C ALA A 245 24.55 3.54 -4.82
N GLU A 246 24.13 3.78 -6.06
CA GLU A 246 23.15 2.96 -6.75
C GLU A 246 23.79 2.41 -8.02
N HIS A 247 23.04 1.60 -8.76
CA HIS A 247 23.60 0.98 -9.95
C HIS A 247 23.94 2.02 -11.00
N SER A 248 23.13 3.07 -11.11
CA SER A 248 23.39 4.08 -12.13
C SER A 248 24.69 4.83 -11.86
N THR A 249 25.01 5.10 -10.59
CA THR A 249 26.26 5.83 -10.32
C THR A 249 27.50 4.95 -10.42
N ILE A 250 27.34 3.62 -10.39
CA ILE A 250 28.43 2.71 -10.71
C ILE A 250 28.50 2.44 -12.20
N THR A 251 27.38 2.01 -12.81
CA THR A 251 27.40 1.58 -14.19
C THR A 251 27.64 2.73 -15.17
N ALA A 252 27.34 3.97 -14.77
CA ALA A 252 27.57 5.10 -15.68
C ALA A 252 29.05 5.28 -16.02
N TRP A 253 29.95 4.71 -15.23
CA TRP A 253 31.38 4.77 -15.55
C TRP A 253 31.78 3.80 -16.66
N GLY A 254 30.88 2.90 -17.05
CA GLY A 254 31.20 1.89 -18.05
C GLY A 254 31.68 0.60 -17.43
N LYS A 255 31.39 -0.51 -18.12
CA LYS A 255 31.65 -1.83 -17.57
C LYS A 255 33.11 -2.00 -17.16
N ASP A 256 34.04 -1.53 -17.99
CA ASP A 256 35.46 -1.73 -17.75
C ASP A 256 36.04 -0.78 -16.71
N HIS A 257 35.23 0.09 -16.12
CA HIS A 257 35.75 1.10 -15.20
C HIS A 257 35.06 1.03 -13.84
N GLU A 258 34.62 -0.16 -13.43
CA GLU A 258 33.99 -0.32 -12.12
C GLU A 258 34.97 0.07 -11.00
N LYS A 259 36.25 -0.23 -11.17
CA LYS A 259 37.22 0.15 -10.15
C LYS A 259 37.32 1.67 -10.04
N ASP A 260 37.25 2.38 -11.15
CA ASP A 260 37.31 3.84 -11.11
C ASP A 260 36.13 4.42 -10.34
N ALA A 261 34.93 3.86 -10.57
CA ALA A 261 33.76 4.32 -9.84
C ALA A 261 33.92 4.11 -8.34
N PHE A 262 34.39 2.91 -7.94
CA PHE A 262 34.60 2.61 -6.54
C PHE A 262 35.55 3.62 -5.90
N GLU A 263 36.68 3.88 -6.56
CA GLU A 263 37.72 4.74 -6.01
C GLU A 263 37.25 6.18 -5.87
N HIS A 264 36.52 6.65 -6.88
CA HIS A 264 35.98 7.99 -6.83
C HIS A 264 34.98 8.15 -5.69
N ILE A 265 34.08 7.18 -5.54
CA ILE A 265 33.08 7.27 -4.49
C ILE A 265 33.62 7.21 -3.07
N VAL A 266 34.53 6.28 -2.80
CA VAL A 266 35.09 6.18 -1.47
C VAL A 266 35.91 7.42 -1.13
N THR A 267 36.63 7.96 -2.10
CA THR A 267 37.40 9.17 -1.92
C THR A 267 36.48 10.38 -1.66
N GLN A 268 35.35 10.44 -2.34
CA GLN A 268 34.37 11.52 -2.16
C GLN A 268 33.81 11.55 -0.74
N PHE A 269 33.63 10.38 -0.14
CA PHE A 269 33.10 10.29 1.21
C PHE A 269 34.10 9.51 2.04
N SER A 270 35.31 10.04 2.09
CA SER A 270 36.41 9.43 2.83
C SER A 270 36.22 9.44 4.34
N SER A 271 35.61 10.50 4.87
CA SER A 271 35.40 10.63 6.31
C SER A 271 34.05 10.25 6.93
N VAL A 272 33.09 9.81 6.13
CA VAL A 272 31.79 9.36 6.66
C VAL A 272 31.56 7.95 6.14
N PRO A 273 30.69 7.19 6.81
CA PRO A 273 30.36 5.85 6.29
C PRO A 273 29.79 5.93 4.89
N VAL A 274 30.18 5.00 4.03
CA VAL A 274 29.71 4.99 2.64
C VAL A 274 29.36 3.56 2.25
N SER A 275 28.19 3.40 1.64
CA SER A 275 27.73 2.11 1.15
C SER A 275 27.88 2.06 -0.36
N VAL A 276 28.52 1.02 -0.88
CA VAL A 276 28.77 0.90 -2.31
C VAL A 276 28.22 -0.44 -2.79
N VAL A 277 27.15 -0.39 -3.59
CA VAL A 277 26.62 -1.61 -4.20
C VAL A 277 27.68 -2.17 -5.14
N SER A 278 27.98 -3.46 -4.97
CA SER A 278 29.14 -4.06 -5.62
C SER A 278 28.77 -5.22 -6.53
N ASP A 279 27.50 -5.40 -6.86
CA ASP A 279 27.06 -6.55 -7.64
C ASP A 279 26.71 -6.20 -9.09
N SER A 280 27.16 -5.06 -9.58
CA SER A 280 26.75 -4.61 -10.90
C SER A 280 27.09 -5.63 -11.96
N TYR A 281 28.30 -6.20 -11.88
CA TYR A 281 28.72 -7.21 -12.83
C TYR A 281 29.06 -8.54 -12.16
N ASP A 282 30.01 -8.51 -11.22
CA ASP A 282 30.40 -9.71 -10.49
C ASP A 282 30.68 -9.33 -9.04
N ILE A 283 29.78 -9.68 -8.13
CA ILE A 283 29.96 -9.33 -6.73
C ILE A 283 31.20 -9.97 -6.12
N TYR A 284 31.42 -11.23 -6.43
CA TYR A 284 32.56 -11.97 -5.93
C TYR A 284 33.87 -11.39 -6.45
N ASN A 285 33.91 -11.01 -7.73
CA ASN A 285 35.12 -10.39 -8.25
C ASN A 285 35.39 -9.07 -7.58
N ALA A 286 34.33 -8.29 -7.31
CA ALA A 286 34.51 -6.97 -6.72
C ALA A 286 35.05 -7.06 -5.30
N CYS A 287 34.55 -8.01 -4.51
CA CYS A 287 35.02 -8.15 -3.14
C CYS A 287 36.46 -8.69 -3.09
N GLU A 288 36.76 -9.65 -3.96
CA GLU A 288 38.08 -10.29 -3.91
C GLU A 288 39.14 -9.45 -4.61
N LYS A 289 38.84 -8.96 -5.81
CA LYS A 289 39.89 -8.32 -6.61
C LYS A 289 39.90 -6.80 -6.49
N ILE A 290 38.74 -6.16 -6.52
CA ILE A 290 38.71 -4.70 -6.52
C ILE A 290 38.86 -4.15 -5.10
N TRP A 291 37.93 -4.49 -4.21
CA TRP A 291 38.07 -4.06 -2.82
C TRP A 291 39.24 -4.78 -2.15
N GLY A 292 39.41 -6.07 -2.44
CA GLY A 292 40.37 -6.87 -1.69
C GLY A 292 41.80 -6.78 -2.18
N GLU A 293 42.00 -6.23 -3.38
CA GLU A 293 43.35 -6.08 -3.91
C GLU A 293 43.60 -4.69 -4.47
N ASP A 294 42.93 -4.34 -5.58
CA ASP A 294 43.21 -3.08 -6.27
C ASP A 294 43.04 -1.88 -5.35
N LEU A 295 41.94 -1.86 -4.60
CA LEU A 295 41.61 -0.74 -3.72
C LEU A 295 41.74 -0.99 -2.24
N ARG A 296 42.44 -2.04 -1.85
CA ARG A 296 42.60 -2.40 -0.45
C ARG A 296 43.25 -1.30 0.39
N HIS A 297 44.21 -0.57 -0.18
CA HIS A 297 44.88 0.52 0.50
C HIS A 297 43.91 1.64 0.91
N LEU A 298 42.94 1.93 0.04
CA LEU A 298 41.93 2.95 0.36
C LEU A 298 41.05 2.53 1.55
N ILE A 299 40.69 1.26 1.60
CA ILE A 299 39.88 0.71 2.68
C ILE A 299 40.51 0.60 4.08
N VAL A 300 41.75 0.12 4.15
CA VAL A 300 42.43 -0.08 5.44
C VAL A 300 42.72 1.20 6.22
N SER A 301 42.93 2.29 5.50
CA SER A 301 43.18 3.60 6.09
C SER A 301 41.93 4.27 6.70
N ARG A 302 40.77 3.73 6.39
CA ARG A 302 39.50 4.28 6.86
C ARG A 302 39.26 4.20 8.36
N SER A 303 38.61 5.24 8.85
CA SER A 303 38.26 5.38 10.25
C SER A 303 37.17 4.42 10.71
N THR A 304 37.18 4.13 12.00
CA THR A 304 36.19 3.26 12.63
C THR A 304 34.78 3.82 12.51
N GLN A 305 34.65 5.13 12.61
CA GLN A 305 33.36 5.79 12.48
C GLN A 305 32.95 6.02 11.02
N ALA A 306 33.85 5.75 10.06
CA ALA A 306 33.52 5.91 8.66
C ALA A 306 33.94 4.71 7.82
N PRO A 307 33.35 3.55 8.07
CA PRO A 307 33.68 2.31 7.36
C PRO A 307 33.13 2.23 5.93
N LEU A 308 33.73 1.35 5.15
CA LEU A 308 33.24 1.09 3.81
C LEU A 308 32.18 0.03 4.01
N ILE A 309 30.99 0.24 3.47
CA ILE A 309 29.97 -0.76 3.62
C ILE A 309 29.72 -1.37 2.25
N ILE A 310 30.09 -2.64 2.11
CA ILE A 310 29.92 -3.38 0.88
C ILE A 310 28.49 -3.92 0.83
N ARG A 311 27.76 -3.59 -0.22
CA ARG A 311 26.39 -4.05 -0.34
C ARG A 311 26.14 -4.95 -1.52
N PRO A 312 25.89 -6.23 -1.27
CA PRO A 312 25.53 -7.10 -2.38
C PRO A 312 24.05 -6.86 -2.66
N ASP A 313 23.64 -6.97 -3.91
CA ASP A 313 22.24 -6.74 -4.25
C ASP A 313 21.54 -7.87 -5.01
N SER A 314 22.18 -9.01 -5.15
CA SER A 314 21.58 -10.08 -5.93
C SER A 314 21.96 -11.47 -5.52
N GLY A 315 21.25 -12.44 -6.08
CA GLY A 315 21.52 -13.85 -5.77
C GLY A 315 20.73 -14.33 -4.57
N ASN A 316 21.01 -15.55 -4.14
CA ASN A 316 20.38 -16.07 -2.95
C ASN A 316 20.83 -15.24 -1.75
N PRO A 317 19.92 -14.67 -0.95
CA PRO A 317 20.35 -13.76 0.12
C PRO A 317 21.31 -14.38 1.12
N LEU A 318 21.05 -15.63 1.56
CA LEU A 318 21.95 -16.24 2.52
C LEU A 318 23.25 -16.68 1.86
N ASP A 319 23.17 -17.38 0.73
CA ASP A 319 24.38 -17.83 0.04
C ASP A 319 25.30 -16.66 -0.30
N THR A 320 24.73 -15.55 -0.73
CA THR A 320 25.56 -14.40 -1.11
C THR A 320 26.28 -13.83 0.10
N VAL A 321 25.59 -13.69 1.24
CA VAL A 321 26.22 -13.09 2.42
C VAL A 321 27.37 -13.95 2.91
N LEU A 322 27.18 -15.27 2.93
CA LEU A 322 28.22 -16.17 3.44
C LEU A 322 29.45 -16.16 2.54
N LYS A 323 29.26 -16.19 1.22
CA LYS A 323 30.41 -16.17 0.32
C LYS A 323 31.11 -14.82 0.35
N VAL A 324 30.34 -13.73 0.44
CA VAL A 324 30.94 -12.41 0.56
C VAL A 324 31.81 -12.33 1.82
N LEU A 325 31.26 -12.77 2.96
CA LEU A 325 32.01 -12.72 4.21
C LEU A 325 33.25 -13.61 4.14
N GLU A 326 33.11 -14.78 3.52
CA GLU A 326 34.25 -15.68 3.39
C GLU A 326 35.35 -15.06 2.54
N ILE A 327 34.98 -14.35 1.48
CA ILE A 327 35.98 -13.69 0.63
C ILE A 327 36.71 -12.61 1.42
N LEU A 328 35.95 -11.72 2.06
CA LEU A 328 36.56 -10.63 2.81
C LEU A 328 37.38 -11.16 3.99
N GLY A 329 36.95 -12.26 4.60
CA GLY A 329 37.71 -12.82 5.71
C GLY A 329 39.10 -13.26 5.31
N LYS A 330 39.31 -13.53 4.02
CA LYS A 330 40.61 -13.97 3.54
C LYS A 330 41.44 -12.84 2.96
N LYS A 331 40.82 -11.73 2.57
CA LYS A 331 41.58 -10.57 2.11
C LYS A 331 41.84 -9.56 3.23
N PHE A 332 41.17 -9.68 4.36
CA PHE A 332 41.20 -8.65 5.39
C PHE A 332 41.44 -9.27 6.76
N PRO A 333 42.07 -8.52 7.68
CA PRO A 333 42.39 -9.09 9.00
C PRO A 333 41.18 -9.32 9.88
N VAL A 334 40.88 -10.58 10.16
CA VAL A 334 39.70 -10.97 10.93
C VAL A 334 40.11 -11.21 12.37
N THR A 335 39.34 -10.66 13.31
CA THR A 335 39.51 -10.98 14.72
C THR A 335 38.39 -11.89 15.18
N GLU A 336 38.59 -12.46 16.37
CA GLU A 336 37.60 -13.29 17.04
C GLU A 336 37.18 -12.56 18.31
N ASN A 337 35.88 -12.29 18.44
CA ASN A 337 35.41 -11.52 19.59
C ASN A 337 35.32 -12.41 20.83
N SER A 338 34.85 -11.82 21.93
CA SER A 338 34.87 -12.53 23.21
C SER A 338 33.89 -13.70 23.25
N LYS A 339 32.91 -13.72 22.36
CA LYS A 339 32.01 -14.87 22.25
C LYS A 339 32.53 -15.92 21.30
N GLY A 340 33.69 -15.69 20.68
CA GLY A 340 34.25 -16.63 19.73
C GLY A 340 33.77 -16.46 18.31
N TYR A 341 33.19 -15.31 17.96
CA TYR A 341 32.63 -15.10 16.63
C TYR A 341 33.50 -14.15 15.83
N LYS A 342 33.63 -14.44 14.54
CA LYS A 342 34.56 -13.71 13.69
C LYS A 342 34.06 -12.30 13.42
N LEU A 343 35.00 -11.35 13.36
CA LEU A 343 34.68 -9.94 13.21
C LEU A 343 35.58 -9.34 12.14
N LEU A 344 34.96 -8.69 11.16
CA LEU A 344 35.71 -7.90 10.20
C LEU A 344 36.41 -6.74 10.91
N PRO A 345 37.48 -6.20 10.33
CA PRO A 345 38.08 -5.01 10.88
C PRO A 345 37.09 -3.87 10.87
N PRO A 346 37.22 -2.91 11.81
CA PRO A 346 36.15 -1.91 12.00
C PRO A 346 35.94 -0.96 10.84
N TYR A 347 36.86 -0.90 9.88
CA TYR A 347 36.66 -0.08 8.70
C TYR A 347 35.89 -0.80 7.60
N LEU A 348 35.37 -2.00 7.86
CA LEU A 348 34.76 -2.84 6.84
C LEU A 348 33.51 -3.47 7.41
N ARG A 349 32.37 -3.25 6.75
CA ARG A 349 31.10 -3.84 7.14
C ARG A 349 30.33 -4.26 5.90
N VAL A 350 29.14 -4.82 6.10
CA VAL A 350 28.34 -5.43 5.05
C VAL A 350 26.87 -5.06 5.28
N ILE A 351 26.14 -4.82 4.18
CA ILE A 351 24.70 -4.61 4.27
C ILE A 351 24.02 -5.42 3.16
N GLN A 352 23.00 -6.18 3.53
CA GLN A 352 22.20 -6.97 2.61
C GLN A 352 20.85 -6.30 2.48
N GLY A 353 20.54 -5.78 1.28
CA GLY A 353 19.31 -5.04 1.07
C GLY A 353 18.45 -5.53 -0.07
N ASP A 354 18.67 -6.78 -0.50
CA ASP A 354 17.87 -7.40 -1.54
C ASP A 354 17.16 -8.62 -0.97
N GLY A 355 15.85 -8.68 -1.18
CA GLY A 355 15.09 -9.86 -0.77
C GLY A 355 14.99 -10.10 0.73
N VAL A 356 14.99 -9.05 1.54
CA VAL A 356 14.93 -9.17 2.99
C VAL A 356 13.48 -8.98 3.43
N ASP A 357 12.92 -10.00 4.07
CA ASP A 357 11.69 -9.88 4.85
C ASP A 357 11.91 -10.63 6.16
N ILE A 358 10.85 -10.72 6.97
CA ILE A 358 11.02 -11.28 8.31
C ILE A 358 11.49 -12.73 8.23
N ASN A 359 11.11 -13.45 7.17
CA ASN A 359 11.48 -14.86 7.05
C ASN A 359 12.93 -15.01 6.62
N THR A 360 13.35 -14.33 5.56
CA THR A 360 14.73 -14.45 5.09
C THR A 360 15.70 -13.83 6.09
N LEU A 361 15.29 -12.78 6.81
CA LEU A 361 16.14 -12.21 7.86
C LEU A 361 16.53 -13.29 8.87
N GLN A 362 15.57 -14.12 9.27
CA GLN A 362 15.85 -15.20 10.20
C GLN A 362 16.84 -16.20 9.62
N GLU A 363 16.69 -16.54 8.33
CA GLU A 363 17.59 -17.51 7.70
C GLU A 363 19.02 -16.99 7.63
N ILE A 364 19.18 -15.68 7.42
CA ILE A 364 20.53 -15.14 7.22
C ILE A 364 21.29 -15.13 8.54
N VAL A 365 20.68 -14.61 9.61
CA VAL A 365 21.42 -14.50 10.86
C VAL A 365 21.68 -15.89 11.46
N GLU A 366 20.75 -16.83 11.27
CA GLU A 366 21.00 -18.18 11.74
C GLU A 366 22.12 -18.84 10.95
N GLY A 367 22.14 -18.65 9.62
CA GLY A 367 23.23 -19.17 8.82
C GLY A 367 24.55 -18.52 9.17
N MET A 368 24.53 -17.22 9.45
CA MET A 368 25.75 -16.53 9.87
C MET A 368 26.27 -17.09 11.18
N LYS A 369 25.38 -17.32 12.15
CA LYS A 369 25.81 -17.88 13.43
C LYS A 369 26.40 -19.27 13.27
N GLN A 370 25.77 -20.10 12.41
CA GLN A 370 26.29 -21.45 12.19
C GLN A 370 27.67 -21.43 11.59
N LYS A 371 28.02 -20.38 10.85
CA LYS A 371 29.34 -20.21 10.28
C LYS A 371 30.23 -19.30 11.13
N MET A 372 29.83 -19.03 12.38
CA MET A 372 30.65 -18.31 13.37
C MET A 372 30.92 -16.85 12.98
N TRP A 373 30.02 -16.23 12.22
CA TRP A 373 30.13 -14.81 11.90
C TRP A 373 29.24 -14.02 12.84
N SER A 374 29.80 -12.97 13.42
CA SER A 374 29.03 -12.13 14.32
C SER A 374 28.03 -11.28 13.54
N ILE A 375 26.89 -11.01 14.17
CA ILE A 375 25.91 -10.12 13.55
C ILE A 375 26.42 -8.69 13.53
N GLU A 376 27.47 -8.40 14.29
CA GLU A 376 28.12 -7.08 14.23
C GLU A 376 28.53 -6.72 12.81
N ASN A 377 28.86 -7.71 11.99
CA ASN A 377 29.40 -7.47 10.66
C ASN A 377 28.36 -6.95 9.68
N ILE A 378 27.08 -7.03 10.01
CA ILE A 378 26.03 -6.91 9.01
C ILE A 378 24.94 -5.97 9.48
N ALA A 379 24.31 -5.30 8.53
CA ALA A 379 23.01 -4.66 8.70
C ALA A 379 22.13 -5.08 7.52
N PHE A 380 20.84 -4.83 7.64
CA PHE A 380 19.89 -5.26 6.61
C PHE A 380 19.07 -4.08 6.13
N GLY A 381 18.82 -4.05 4.82
CA GLY A 381 17.88 -3.13 4.22
C GLY A 381 16.70 -3.92 3.67
N SER A 382 15.50 -3.35 3.82
CA SER A 382 14.28 -4.01 3.35
C SER A 382 13.38 -2.98 2.70
N GLY A 383 12.80 -3.35 1.56
CA GLY A 383 11.95 -2.44 0.83
C GLY A 383 10.49 -2.84 0.89
N GLY A 384 10.09 -3.69 -0.06
CA GLY A 384 8.75 -4.19 -0.17
C GLY A 384 8.35 -5.02 1.05
N GLY A 385 9.28 -5.81 1.56
CA GLY A 385 8.97 -6.60 2.73
C GLY A 385 8.63 -5.72 3.92
N LEU A 386 9.39 -4.67 4.13
CA LEU A 386 9.13 -3.77 5.24
C LEU A 386 7.86 -2.92 5.16
N LEU A 387 7.61 -2.30 4.01
CA LEU A 387 6.47 -1.40 3.84
C LEU A 387 5.30 -1.81 2.96
N GLN A 388 5.55 -2.64 1.95
CA GLN A 388 4.48 -2.98 1.04
C GLN A 388 3.81 -4.33 1.15
N LYS A 389 4.57 -5.37 1.45
CA LYS A 389 4.02 -6.72 1.50
C LYS A 389 3.36 -7.06 2.83
N LEU A 390 2.29 -6.34 3.16
CA LEU A 390 1.54 -6.51 4.38
C LEU A 390 0.09 -6.25 4.05
N THR A 391 -0.81 -6.94 4.73
CA THR A 391 -2.24 -6.76 4.53
C THR A 391 -2.96 -6.75 5.87
N ARG A 392 -4.17 -6.23 5.82
CA ARG A 392 -5.06 -6.18 6.98
C ARG A 392 -5.35 -7.58 7.56
N ASP A 393 -5.36 -8.59 6.72
CA ASP A 393 -5.55 -9.97 7.12
C ASP A 393 -4.39 -10.53 8.00
N LEU A 394 -3.19 -9.98 7.92
CA LEU A 394 -2.04 -10.49 8.67
C LEU A 394 -2.20 -10.41 10.20
N LEU A 395 -2.71 -9.31 10.73
CA LEU A 395 -2.98 -9.25 12.15
C LEU A 395 -4.48 -9.30 12.44
N ASN A 396 -5.29 -9.57 11.42
CA ASN A 396 -6.75 -9.63 11.54
C ASN A 396 -7.35 -8.37 12.14
N CYS A 397 -6.93 -7.22 11.65
CA CYS A 397 -7.45 -5.92 12.15
C CYS A 397 -8.92 -5.80 11.77
N SER A 398 -9.78 -5.46 12.73
CA SER A 398 -11.22 -5.46 12.48
C SER A 398 -11.90 -4.38 13.31
N PHE A 399 -13.02 -3.89 12.78
CA PHE A 399 -13.82 -2.82 13.38
C PHE A 399 -15.27 -3.29 13.35
N LYS A 400 -15.87 -3.45 14.53
CA LYS A 400 -17.21 -4.01 14.62
C LYS A 400 -18.03 -3.26 15.64
N CYS A 401 -19.34 -3.21 15.42
CA CYS A 401 -20.27 -2.63 16.38
C CYS A 401 -20.53 -3.63 17.50
N SER A 402 -20.46 -3.17 18.75
CA SER A 402 -20.68 -4.04 19.89
C SER A 402 -21.79 -3.59 20.84
N TYR A 403 -22.37 -2.40 20.63
CA TYR A 403 -23.36 -1.87 21.56
C TYR A 403 -24.14 -0.78 20.86
N VAL A 404 -25.47 -0.83 20.96
CA VAL A 404 -26.34 0.23 20.47
C VAL A 404 -27.44 0.47 21.50
N VAL A 405 -27.99 1.68 21.47
CA VAL A 405 -29.14 2.04 22.28
C VAL A 405 -30.31 2.33 21.33
N THR A 406 -31.43 1.66 21.56
CA THR A 406 -32.63 1.82 20.74
C THR A 406 -33.83 1.85 21.68
N ASN A 407 -34.65 2.89 21.55
CA ASN A 407 -35.77 3.14 22.46
C ASN A 407 -35.30 3.25 23.91
N GLY A 408 -34.11 3.79 24.11
CA GLY A 408 -33.59 4.02 25.44
C GLY A 408 -33.01 2.80 26.13
N LEU A 409 -32.97 1.65 25.46
CA LEU A 409 -32.45 0.42 26.05
C LEU A 409 -31.21 -0.01 25.28
N GLY A 410 -30.09 -0.15 25.98
CA GLY A 410 -28.90 -0.67 25.35
C GLY A 410 -28.96 -2.17 25.20
N ILE A 411 -28.30 -2.67 24.15
CA ILE A 411 -28.21 -4.11 23.89
C ILE A 411 -26.80 -4.41 23.42
N ASN A 412 -26.27 -5.55 23.84
CA ASN A 412 -24.93 -5.97 23.47
C ASN A 412 -24.98 -6.69 22.13
N VAL A 413 -24.21 -6.18 21.16
CA VAL A 413 -24.36 -6.54 19.75
C VAL A 413 -23.09 -7.24 19.27
N PHE A 414 -23.26 -8.18 18.34
CA PHE A 414 -22.14 -9.00 17.91
C PHE A 414 -22.53 -9.78 16.66
N LYS A 415 -21.51 -10.27 15.95
CA LYS A 415 -21.69 -11.26 14.90
C LYS A 415 -21.05 -12.57 15.32
N ASP A 416 -21.56 -13.67 14.75
CA ASP A 416 -21.13 -15.02 15.14
C ASP A 416 -21.37 -15.97 13.97
N PRO A 417 -20.58 -15.82 12.90
CA PRO A 417 -20.83 -16.61 11.69
C PRO A 417 -20.63 -18.10 11.95
N VAL A 418 -21.51 -18.91 11.35
CA VAL A 418 -21.50 -20.34 11.63
C VAL A 418 -20.27 -21.00 11.03
N ALA A 419 -19.78 -20.52 9.90
CA ALA A 419 -18.67 -21.17 9.22
C ALA A 419 -17.31 -20.69 9.71
N ASP A 420 -17.27 -19.74 10.64
CA ASP A 420 -16.00 -19.25 11.14
C ASP A 420 -16.14 -18.66 12.53
N PRO A 421 -15.79 -19.40 13.58
CA PRO A 421 -15.76 -18.82 14.93
C PRO A 421 -14.66 -17.76 15.11
N ASN A 422 -13.68 -17.68 14.20
CA ASN A 422 -12.65 -16.65 14.32
C ASN A 422 -13.20 -15.25 14.05
N LYS A 423 -14.35 -15.16 13.37
CA LYS A 423 -14.96 -13.87 13.07
C LYS A 423 -15.99 -13.43 14.10
N ARG A 424 -16.10 -14.15 15.23
CA ARG A 424 -17.00 -13.70 16.28
C ARG A 424 -16.51 -12.40 16.89
N SER A 425 -17.42 -11.46 17.11
CA SER A 425 -17.08 -10.15 17.61
C SER A 425 -17.48 -10.01 19.08
N LYS A 426 -16.84 -9.06 19.76
CA LYS A 426 -17.04 -8.85 21.19
C LYS A 426 -18.38 -8.17 21.47
N LYS A 427 -18.87 -8.36 22.70
CA LYS A 427 -20.21 -7.98 23.11
C LYS A 427 -20.19 -6.77 24.03
N GLY A 428 -21.03 -5.78 23.74
CA GLY A 428 -21.31 -4.72 24.68
C GLY A 428 -20.22 -3.67 24.83
N ARG A 429 -20.32 -2.93 25.93
CA ARG A 429 -19.35 -1.89 26.24
C ARG A 429 -18.05 -2.52 26.73
N LEU A 430 -16.93 -2.03 26.23
CA LEU A 430 -15.64 -2.69 26.39
C LEU A 430 -14.69 -1.85 27.22
N SER A 431 -13.74 -2.52 27.87
CA SER A 431 -12.69 -1.85 28.65
C SER A 431 -11.47 -2.76 28.72
N LEU A 432 -10.30 -2.14 28.81
CA LEU A 432 -9.02 -2.84 28.83
C LEU A 432 -8.38 -2.68 30.19
N HIS A 433 -7.89 -3.78 30.76
CA HIS A 433 -7.41 -3.77 32.13
C HIS A 433 -6.17 -4.64 32.30
N ARG A 434 -5.42 -4.34 33.36
CA ARG A 434 -4.35 -5.21 33.84
C ARG A 434 -4.92 -6.37 34.62
N THR A 435 -4.45 -7.57 34.35
CA THR A 435 -4.76 -8.71 35.20
C THR A 435 -3.90 -8.67 36.45
N PRO A 436 -4.24 -9.46 37.48
CA PRO A 436 -3.39 -9.49 38.67
C PRO A 436 -1.96 -9.90 38.40
N ALA A 437 -1.72 -10.67 37.34
CA ALA A 437 -0.38 -11.08 36.97
C ALA A 437 0.28 -10.11 35.99
N GLY A 438 -0.32 -8.94 35.77
CA GLY A 438 0.29 -7.93 34.93
C GLY A 438 0.07 -8.13 33.44
N ASN A 439 -0.82 -9.02 33.04
CA ASN A 439 -1.16 -9.18 31.64
C ASN A 439 -2.37 -8.30 31.31
N PHE A 440 -2.93 -8.48 30.12
CA PHE A 440 -4.04 -7.66 29.65
C PHE A 440 -5.31 -8.49 29.53
N VAL A 441 -6.45 -7.83 29.69
CA VAL A 441 -7.75 -8.46 29.46
C VAL A 441 -8.73 -7.40 29.02
N THR A 442 -9.60 -7.77 28.07
CA THR A 442 -10.69 -6.91 27.62
C THR A 442 -11.97 -7.39 28.30
N LEU A 443 -12.63 -6.50 29.03
CA LEU A 443 -13.87 -6.82 29.71
C LEU A 443 -15.05 -6.43 28.84
N GLU A 444 -16.01 -7.34 28.70
CA GLU A 444 -17.16 -7.15 27.84
C GLU A 444 -18.41 -6.88 28.66
N GLU A 445 -19.44 -6.38 27.98
CA GLU A 445 -20.77 -6.18 28.57
C GLU A 445 -20.74 -5.19 29.74
N GLY A 446 -19.91 -4.15 29.61
CA GLY A 446 -19.82 -3.13 30.64
C GLY A 446 -19.24 -3.59 31.95
N LYS A 447 -18.72 -4.82 32.02
CA LYS A 447 -18.28 -5.39 33.29
C LYS A 447 -17.12 -4.62 33.91
N GLY A 448 -16.44 -3.76 33.15
CA GLY A 448 -15.43 -2.91 33.75
C GLY A 448 -16.00 -1.93 34.75
N ASP A 449 -17.31 -1.70 34.72
CA ASP A 449 -17.96 -0.83 35.68
C ASP A 449 -18.02 -1.44 37.08
N LEU A 450 -17.76 -2.74 37.20
CA LEU A 450 -17.75 -3.40 38.50
C LEU A 450 -16.44 -3.18 39.26
N GLU A 451 -15.41 -2.66 38.60
CA GLU A 451 -14.15 -2.25 39.23
C GLU A 451 -13.38 -3.42 39.84
N GLU A 452 -13.61 -4.64 39.36
CA GLU A 452 -12.86 -5.79 39.88
C GLU A 452 -11.46 -5.88 39.32
N TYR A 453 -11.17 -5.19 38.22
CA TYR A 453 -9.87 -5.21 37.57
C TYR A 453 -9.19 -3.85 37.60
N GLY A 454 -9.67 -2.92 38.42
CA GLY A 454 -9.04 -1.62 38.51
C GLY A 454 -9.53 -0.70 37.41
N GLN A 455 -8.59 0.00 36.78
CA GLN A 455 -8.92 1.15 35.96
C GLN A 455 -8.78 0.83 34.47
N ASP A 456 -9.73 1.31 33.68
CA ASP A 456 -9.69 1.22 32.24
C ASP A 456 -8.45 1.90 31.68
N LEU A 457 -7.67 1.18 30.88
CA LEU A 457 -6.44 1.72 30.32
C LEU A 457 -6.65 2.52 29.03
N LEU A 458 -7.86 2.54 28.47
CA LEU A 458 -8.14 3.41 27.34
C LEU A 458 -8.32 4.84 27.83
N HIS A 459 -7.76 5.79 27.09
CA HIS A 459 -7.92 7.21 27.34
C HIS A 459 -8.73 7.83 26.21
N THR A 460 -9.59 8.79 26.54
CA THR A 460 -10.22 9.61 25.52
C THR A 460 -9.16 10.40 24.76
N VAL A 461 -9.01 10.11 23.47
CA VAL A 461 -8.07 10.84 22.62
C VAL A 461 -8.77 11.78 21.67
N PHE A 462 -10.09 11.71 21.54
CA PHE A 462 -10.84 12.53 20.61
C PHE A 462 -12.26 12.68 21.13
N LYS A 463 -12.74 13.91 21.18
CA LYS A 463 -14.10 14.18 21.64
C LYS A 463 -14.61 15.45 20.97
N ASN A 464 -15.72 15.32 20.24
CA ASN A 464 -16.44 16.45 19.67
C ASN A 464 -15.51 17.39 18.89
N GLY A 465 -14.65 16.79 18.06
CA GLY A 465 -13.84 17.54 17.14
C GLY A 465 -12.48 17.96 17.64
N LYS A 466 -12.12 17.63 18.88
CA LYS A 466 -10.84 18.01 19.44
C LYS A 466 -10.01 16.78 19.78
N VAL A 467 -8.71 16.89 19.59
CA VAL A 467 -7.77 15.89 20.10
C VAL A 467 -7.52 16.21 21.57
N THR A 468 -7.87 15.27 22.45
CA THR A 468 -7.86 15.52 23.87
C THR A 468 -6.69 14.88 24.61
N LYS A 469 -5.93 13.99 23.97
CA LYS A 469 -4.72 13.44 24.55
C LYS A 469 -3.79 13.05 23.42
N SER A 470 -2.49 13.30 23.63
CA SER A 470 -1.49 13.18 22.58
C SER A 470 -0.22 12.55 23.14
N TYR A 471 0.63 12.08 22.24
CA TYR A 471 1.88 11.44 22.61
C TYR A 471 2.98 11.89 21.66
N SER A 472 4.14 12.18 22.23
CA SER A 472 5.29 12.48 21.38
C SER A 472 5.87 11.17 20.86
N PHE A 473 6.61 11.27 19.76
CA PHE A 473 7.24 10.08 19.19
C PHE A 473 8.23 9.47 20.18
N ASP A 474 8.79 10.29 21.07
CA ASP A 474 9.69 9.76 22.09
C ASP A 474 8.93 8.87 23.08
N GLU A 475 7.74 9.27 23.50
CA GLU A 475 6.94 8.42 24.37
C GLU A 475 6.59 7.10 23.68
N ILE A 476 6.26 7.16 22.39
CA ILE A 476 5.89 5.97 21.66
C ILE A 476 7.05 5.00 21.58
N ARG A 477 8.26 5.52 21.30
CA ARG A 477 9.43 4.66 21.22
C ARG A 477 9.70 3.96 22.55
N LYS A 478 9.64 4.70 23.66
CA LYS A 478 9.81 4.09 24.97
C LYS A 478 8.75 3.02 25.22
N ASN A 479 7.50 3.30 24.86
CA ASN A 479 6.43 2.33 25.07
C ASN A 479 6.68 1.03 24.29
N ALA A 480 7.30 1.13 23.12
CA ALA A 480 7.42 0.00 22.20
C ALA A 480 8.71 -0.79 22.36
N GLN A 481 9.50 -0.50 23.39
CA GLN A 481 10.79 -1.15 23.56
C GLN A 481 10.63 -2.66 23.77
N LEU A 482 11.72 -3.38 23.55
CA LEU A 482 11.75 -4.81 23.78
C LEU A 482 12.07 -5.11 25.23
N ASN A 483 11.62 -6.28 25.71
CA ASN A 483 11.96 -6.71 27.06
C ASN A 483 13.47 -6.84 27.22
N ILE A 484 14.13 -7.46 26.23
CA ILE A 484 15.59 -7.61 26.26
C ILE A 484 16.27 -6.26 26.45
N GLU A 485 15.65 -5.17 25.96
CA GLU A 485 16.23 -3.85 26.11
C GLU A 485 16.00 -3.29 27.50
N LEU A 486 14.84 -3.57 28.09
CA LEU A 486 14.50 -3.06 29.41
C LEU A 486 15.21 -3.83 30.52
N GLU B 8 3.30 22.05 2.50
CA GLU B 8 3.12 21.68 1.11
C GLU B 8 4.10 20.56 0.72
N PHE B 9 3.85 19.91 -0.41
CA PHE B 9 4.73 18.85 -0.88
C PHE B 9 6.04 19.43 -1.39
N ASN B 10 7.15 18.85 -0.95
CA ASN B 10 8.49 19.29 -1.35
C ASN B 10 9.19 18.15 -2.07
N ILE B 11 9.41 18.34 -3.37
CA ILE B 11 10.05 17.34 -4.24
C ILE B 11 11.48 17.04 -3.82
N LEU B 12 12.12 18.01 -3.18
CA LEU B 12 13.46 17.88 -2.63
C LEU B 12 13.53 16.84 -1.50
N LEU B 13 12.44 16.69 -0.75
CA LEU B 13 12.31 15.72 0.31
C LEU B 13 11.54 14.48 -0.16
N ALA B 14 11.35 14.32 -1.46
CA ALA B 14 10.60 13.20 -2.02
C ALA B 14 11.43 12.15 -2.80
N THR B 15 12.60 11.81 -2.28
CA THR B 15 13.49 10.84 -2.90
C THR B 15 14.17 9.95 -1.86
N ASP B 16 14.76 8.83 -2.29
CA ASP B 16 15.52 7.98 -1.38
C ASP B 16 16.69 8.81 -0.88
N SER B 17 16.98 8.72 0.42
CA SER B 17 18.01 9.56 1.03
C SER B 17 19.33 9.51 0.27
N TYR B 18 19.76 8.31 -0.13
CA TYR B 18 21.09 8.19 -0.73
C TYR B 18 21.19 8.90 -2.08
N LYS B 19 20.06 9.19 -2.74
CA LYS B 19 20.12 9.93 -3.99
C LYS B 19 20.55 11.37 -3.78
N VAL B 20 20.42 11.90 -2.56
CA VAL B 20 20.96 13.21 -2.24
C VAL B 20 22.46 13.26 -2.48
N THR B 21 23.14 12.12 -2.32
CA THR B 21 24.59 12.04 -2.41
C THR B 21 25.09 11.60 -3.78
N HIS B 22 24.19 11.37 -4.75
CA HIS B 22 24.59 10.75 -6.00
C HIS B 22 25.25 11.71 -6.98
N TYR B 23 24.96 13.01 -6.89
CA TYR B 23 25.57 13.96 -7.82
C TYR B 23 27.09 13.99 -7.72
N LYS B 24 27.65 13.58 -6.57
CA LYS B 24 29.08 13.48 -6.37
C LYS B 24 29.67 12.17 -6.88
N GLN B 25 28.84 11.24 -7.36
CA GLN B 25 29.31 9.89 -7.67
C GLN B 25 29.37 9.59 -9.15
N TYR B 26 28.65 10.34 -9.98
CA TYR B 26 28.72 10.18 -11.43
C TYR B 26 30.14 10.50 -11.91
N PRO B 27 30.54 9.95 -13.05
CA PRO B 27 31.84 10.33 -13.62
C PRO B 27 31.89 11.82 -13.92
N PRO B 28 33.02 12.48 -13.62
CA PRO B 28 33.19 13.87 -14.04
C PRO B 28 32.91 14.05 -15.53
N ASN B 29 32.41 15.24 -15.88
CA ASN B 29 32.12 15.63 -17.26
C ASN B 29 30.94 14.86 -17.85
N THR B 30 29.95 14.53 -17.01
CA THR B 30 28.74 13.87 -17.47
C THR B 30 27.67 14.92 -17.76
N SER B 31 27.19 14.95 -19.00
CA SER B 31 26.19 15.94 -19.40
C SER B 31 24.78 15.39 -19.51
N LYS B 32 24.62 14.07 -19.59
CA LYS B 32 23.30 13.46 -19.74
C LYS B 32 23.23 12.15 -18.97
N VAL B 33 22.09 11.92 -18.32
CA VAL B 33 21.74 10.62 -17.75
C VAL B 33 20.36 10.26 -18.27
N TYR B 34 20.27 9.09 -18.91
CA TYR B 34 19.07 8.63 -19.60
C TYR B 34 18.66 7.31 -18.96
N SER B 35 17.41 7.25 -18.49
CA SER B 35 16.91 6.09 -17.75
C SER B 35 15.53 5.70 -18.26
N TYR B 36 15.19 4.43 -18.07
CA TYR B 36 13.94 3.89 -18.59
C TYR B 36 13.28 2.99 -17.55
N PHE B 37 11.99 2.73 -17.77
CA PHE B 37 11.16 1.93 -16.89
C PHE B 37 10.61 0.73 -17.66
N GLU B 38 10.66 -0.45 -17.05
CA GLU B 38 10.13 -1.64 -17.68
C GLU B 38 9.54 -2.57 -16.63
N CYS B 39 8.69 -3.49 -17.09
CA CYS B 39 8.23 -4.62 -16.29
C CYS B 39 9.01 -5.84 -16.76
N ARG B 40 10.11 -6.14 -16.06
CA ARG B 40 11.07 -7.14 -16.51
C ARG B 40 10.43 -8.52 -16.66
N GLU B 41 10.94 -9.28 -17.62
CA GLU B 41 10.57 -10.68 -17.77
C GLU B 41 11.18 -11.51 -16.65
N LYS B 42 10.65 -12.72 -16.48
CA LYS B 42 11.18 -13.66 -15.50
C LYS B 42 11.50 -15.01 -16.16
N LYS B 53 0.45 -15.83 -15.25
CA LYS B 53 1.78 -15.50 -15.73
C LYS B 53 2.04 -14.00 -15.85
N TYR B 54 1.00 -13.19 -16.06
CA TYR B 54 1.13 -11.74 -16.21
C TYR B 54 2.07 -11.39 -17.37
N GLU B 55 1.74 -11.90 -18.56
CA GLU B 55 2.61 -11.73 -19.71
C GLU B 55 2.48 -10.36 -20.37
N GLU B 56 1.47 -9.57 -20.01
CA GLU B 56 1.29 -8.24 -20.56
C GLU B 56 0.73 -7.33 -19.48
N THR B 57 1.11 -6.06 -19.53
CA THR B 57 0.75 -5.10 -18.49
C THR B 57 -0.01 -3.92 -19.10
N VAL B 58 -0.92 -3.37 -18.30
CA VAL B 58 -1.60 -2.14 -18.64
C VAL B 58 -0.76 -0.97 -18.14
N PHE B 59 -0.36 -0.09 -19.04
CA PHE B 59 0.33 1.13 -18.61
C PHE B 59 -0.71 2.15 -18.16
N TYR B 60 -0.76 2.42 -16.87
CA TYR B 60 -1.70 3.41 -16.35
C TYR B 60 -1.10 4.06 -15.10
N GLY B 61 -1.29 5.36 -14.97
CA GLY B 61 -1.02 6.06 -13.73
C GLY B 61 0.01 7.15 -13.80
N LEU B 62 0.86 7.18 -14.84
CA LEU B 62 1.95 8.16 -14.88
C LEU B 62 1.41 9.58 -14.93
N GLN B 63 0.33 9.80 -15.68
CA GLN B 63 -0.22 11.14 -15.86
C GLN B 63 -0.66 11.76 -14.54
N TYR B 64 -1.15 10.93 -13.61
CA TYR B 64 -1.44 11.42 -12.26
C TYR B 64 -0.20 12.01 -11.61
N ILE B 65 0.91 11.28 -11.67
CA ILE B 65 2.13 11.71 -10.99
C ILE B 65 2.72 12.94 -11.66
N LEU B 66 2.66 13.01 -12.99
CA LEU B 66 3.19 14.18 -13.70
C LEU B 66 2.50 15.47 -13.25
N ASN B 67 1.18 15.42 -13.10
CA ASN B 67 0.42 16.61 -12.74
C ASN B 67 0.53 16.93 -11.26
N LYS B 68 0.47 15.91 -10.40
CA LYS B 68 0.40 16.17 -8.96
C LYS B 68 1.73 16.59 -8.39
N TYR B 69 2.84 16.05 -8.89
CA TYR B 69 4.12 16.16 -8.22
C TYR B 69 5.22 16.80 -9.04
N LEU B 70 5.19 16.69 -10.38
CA LEU B 70 6.34 17.04 -11.20
C LEU B 70 6.18 18.33 -11.99
N LYS B 71 4.96 18.74 -12.33
CA LYS B 71 4.78 19.85 -13.25
C LYS B 71 4.83 21.19 -12.53
N GLY B 72 5.11 22.25 -13.31
CA GLY B 72 5.05 23.60 -12.80
C GLY B 72 6.26 23.98 -11.95
N LYS B 73 6.04 24.96 -11.09
CA LYS B 73 7.08 25.47 -10.20
C LYS B 73 7.14 24.58 -8.97
N VAL B 74 8.14 23.70 -8.93
CA VAL B 74 8.27 22.73 -7.85
C VAL B 74 9.43 23.06 -6.92
N VAL B 75 10.16 24.14 -7.18
CA VAL B 75 11.34 24.52 -6.38
C VAL B 75 11.18 25.96 -5.94
N THR B 76 11.45 26.21 -4.65
CA THR B 76 11.47 27.56 -4.09
C THR B 76 12.66 27.69 -3.14
N LYS B 77 13.00 28.92 -2.80
CA LYS B 77 14.08 29.20 -1.89
C LYS B 77 13.71 28.56 -0.57
N GLU B 78 12.44 28.65 -0.24
CA GLU B 78 11.98 28.06 1.00
C GLU B 78 12.18 26.55 1.00
N LYS B 79 11.85 25.90 -0.11
CA LYS B 79 12.00 24.46 -0.24
C LYS B 79 13.44 24.01 -0.20
N ILE B 80 14.32 24.76 -0.86
CA ILE B 80 15.72 24.45 -0.83
C ILE B 80 16.25 24.58 0.59
N GLN B 81 15.84 25.62 1.29
CA GLN B 81 16.25 25.83 2.68
C GLN B 81 15.73 24.74 3.61
N GLU B 82 14.49 24.33 3.41
CA GLU B 82 13.89 23.30 4.22
C GLU B 82 14.68 22.01 4.02
N ALA B 83 15.01 21.68 2.77
CA ALA B 83 15.77 20.49 2.48
C ALA B 83 17.16 20.54 3.07
N LYS B 84 17.82 21.69 2.96
CA LYS B 84 19.16 21.86 3.51
C LYS B 84 19.19 21.51 4.99
N ASP B 85 18.21 22.00 5.74
CA ASP B 85 18.21 21.80 7.19
C ASP B 85 17.90 20.36 7.57
N VAL B 86 16.94 19.74 6.89
CA VAL B 86 16.60 18.35 7.18
C VAL B 86 17.80 17.44 6.88
N TYR B 87 18.39 17.63 5.70
CA TYR B 87 19.50 16.72 5.27
C TYR B 87 20.76 16.91 6.12
N LYS B 88 21.02 18.12 6.62
CA LYS B 88 22.18 18.32 7.51
C LYS B 88 22.06 17.40 8.73
N GLU B 89 20.85 17.31 9.29
CA GLU B 89 20.63 16.46 10.48
C GLU B 89 20.52 14.99 10.07
N HIS B 90 19.90 14.71 8.93
CA HIS B 90 19.70 13.33 8.50
C HIS B 90 21.03 12.62 8.28
N PHE B 91 21.98 13.30 7.63
CA PHE B 91 23.28 12.72 7.35
C PHE B 91 24.35 13.10 8.36
N GLN B 92 24.09 14.09 9.18
CA GLN B 92 25.08 14.58 10.12
C GLN B 92 26.27 15.10 9.30
N ASP B 93 25.99 15.61 8.13
CA ASP B 93 26.99 16.15 7.23
C ASP B 93 26.28 17.11 6.26
N ASP B 94 27.00 18.02 5.64
CA ASP B 94 26.37 18.88 4.67
C ASP B 94 26.65 18.24 3.33
N VAL B 95 25.70 17.51 2.78
CA VAL B 95 25.96 16.85 1.52
C VAL B 95 25.01 17.25 0.42
N PHE B 96 23.94 17.92 0.79
CA PHE B 96 22.84 18.34 -0.11
C PHE B 96 23.37 19.20 -1.26
N ASN B 97 22.93 18.94 -2.50
CA ASN B 97 23.35 19.74 -3.69
C ASN B 97 22.50 21.02 -3.80
N GLU B 98 22.80 22.02 -2.97
CA GLU B 98 22.03 23.30 -2.97
C GLU B 98 22.29 24.07 -4.28
N LYS B 99 23.53 24.08 -4.76
CA LYS B 99 23.86 24.87 -5.99
C LYS B 99 23.04 24.34 -7.16
N GLY B 100 22.91 23.01 -7.27
CA GLY B 100 22.17 22.40 -8.39
C GLY B 100 20.70 22.75 -8.34
N TRP B 101 20.11 22.67 -7.15
CA TRP B 101 18.71 23.02 -7.01
C TRP B 101 18.49 24.53 -7.16
N ASN B 102 19.46 25.33 -6.71
CA ASN B 102 19.36 26.78 -6.91
C ASN B 102 19.51 27.14 -8.38
N TYR B 103 20.31 26.36 -9.13
CA TYR B 103 20.42 26.59 -10.56
C TYR B 103 19.08 26.39 -11.26
N ILE B 104 18.29 25.41 -10.80
CA ILE B 104 16.99 25.16 -11.40
C ILE B 104 16.02 26.28 -11.06
N LEU B 105 16.08 26.79 -9.83
CA LEU B 105 15.24 27.91 -9.45
C LEU B 105 15.48 29.13 -10.34
N GLU B 106 16.75 29.51 -10.51
CA GLU B 106 17.08 30.76 -11.18
C GLU B 106 16.91 30.66 -12.70
N LYS B 107 17.26 29.53 -13.29
CA LYS B 107 17.27 29.45 -14.74
C LYS B 107 15.90 29.10 -15.31
N TYR B 108 15.11 28.28 -14.62
CA TYR B 108 13.85 27.79 -15.17
C TYR B 108 12.66 28.09 -14.28
N ASP B 109 12.78 29.04 -13.35
CA ASP B 109 11.69 29.40 -12.44
C ASP B 109 11.15 28.17 -11.71
N GLY B 110 12.06 27.30 -11.28
CA GLY B 110 11.67 26.11 -10.55
C GLY B 110 11.04 25.01 -11.36
N HIS B 111 11.11 25.07 -12.68
CA HIS B 111 10.57 24.01 -13.54
C HIS B 111 11.67 22.99 -13.84
N LEU B 112 11.32 21.72 -13.74
CA LEU B 112 12.31 20.64 -13.90
C LEU B 112 12.74 20.49 -15.36
N PRO B 113 14.04 20.64 -15.67
CA PRO B 113 14.52 20.39 -17.04
C PRO B 113 14.66 18.89 -17.34
N ILE B 114 13.51 18.26 -17.57
CA ILE B 114 13.40 16.82 -17.76
C ILE B 114 12.50 16.58 -18.97
N GLU B 115 12.82 15.56 -19.77
CA GLU B 115 11.91 15.08 -20.80
C GLU B 115 11.53 13.64 -20.52
N ILE B 116 10.23 13.37 -20.49
CA ILE B 116 9.70 12.03 -20.25
C ILE B 116 8.89 11.61 -21.47
N LYS B 117 9.25 10.47 -22.05
CA LYS B 117 8.51 9.86 -23.14
C LYS B 117 7.88 8.57 -22.65
N ALA B 118 6.67 8.28 -23.11
CA ALA B 118 5.90 7.17 -22.55
C ALA B 118 4.95 6.58 -23.59
N VAL B 119 4.62 5.31 -23.40
CA VAL B 119 3.58 4.64 -24.18
C VAL B 119 2.25 5.27 -23.77
N PRO B 120 1.25 5.37 -24.65
CA PRO B 120 -0.04 5.92 -24.22
C PRO B 120 -0.65 5.12 -23.08
N GLU B 121 -1.39 5.82 -22.22
CA GLU B 121 -1.96 5.17 -21.06
C GLU B 121 -3.16 4.31 -21.45
N GLY B 122 -3.24 3.12 -20.86
CA GLY B 122 -4.20 2.12 -21.25
C GLY B 122 -3.65 1.07 -22.19
N PHE B 123 -2.53 1.35 -22.85
CA PHE B 123 -1.91 0.39 -23.75
C PHE B 123 -1.53 -0.89 -23.00
N VAL B 124 -1.70 -2.03 -23.68
CA VAL B 124 -1.41 -3.34 -23.12
C VAL B 124 -0.13 -3.86 -23.77
N ILE B 125 0.94 -3.90 -23.00
CA ILE B 125 2.29 -4.15 -23.53
C ILE B 125 2.85 -5.43 -22.92
N PRO B 126 3.46 -6.31 -23.72
CA PRO B 126 4.10 -7.50 -23.15
C PRO B 126 5.26 -7.15 -22.23
N ARG B 127 5.60 -8.10 -21.35
CA ARG B 127 6.69 -7.93 -20.41
C ARG B 127 8.01 -7.63 -21.12
N GLY B 128 8.90 -6.93 -20.42
CA GLY B 128 10.24 -6.69 -20.94
C GLY B 128 10.34 -5.62 -21.99
N ASN B 129 9.43 -4.66 -22.01
CA ASN B 129 9.42 -3.60 -23.01
C ASN B 129 9.51 -2.24 -22.32
N VAL B 130 10.24 -1.31 -22.96
CA VAL B 130 10.31 0.03 -22.43
C VAL B 130 8.92 0.64 -22.41
N LEU B 131 8.52 1.17 -21.25
CA LEU B 131 7.25 1.84 -21.07
C LEU B 131 7.38 3.35 -20.96
N PHE B 132 8.40 3.85 -20.27
CA PHE B 132 8.74 5.25 -20.36
C PHE B 132 10.23 5.44 -20.14
N THR B 133 10.75 6.55 -20.67
CA THR B 133 12.16 6.94 -20.52
C THR B 133 12.22 8.34 -19.91
N VAL B 134 13.33 8.61 -19.22
CA VAL B 134 13.55 9.88 -18.54
C VAL B 134 14.97 10.35 -18.84
N GLU B 135 15.12 11.65 -19.12
CA GLU B 135 16.41 12.23 -19.39
C GLU B 135 16.38 13.72 -19.05
N ASN B 136 17.53 14.25 -18.64
CA ASN B 136 17.66 15.67 -18.39
C ASN B 136 17.88 16.42 -19.69
N THR B 137 17.37 17.65 -19.76
CA THR B 137 17.47 18.48 -20.96
C THR B 137 18.51 19.58 -20.82
N ASP B 138 19.16 19.71 -19.66
CA ASP B 138 20.17 20.71 -19.41
C ASP B 138 21.40 19.98 -18.86
N PRO B 139 22.58 20.21 -19.44
CA PRO B 139 23.77 19.48 -18.97
C PRO B 139 24.08 19.64 -17.49
N GLU B 140 23.74 20.78 -16.89
CA GLU B 140 24.02 20.97 -15.47
C GLU B 140 23.17 20.07 -14.58
N CYS B 141 22.08 19.51 -15.11
CA CYS B 141 21.13 18.74 -14.31
C CYS B 141 21.20 17.25 -14.60
N TYR B 142 22.40 16.74 -14.91
CA TYR B 142 22.61 15.32 -15.15
C TYR B 142 22.13 14.46 -13.98
N TRP B 143 22.22 14.99 -12.77
CA TRP B 143 21.83 14.28 -11.55
C TRP B 143 20.34 14.19 -11.34
N LEU B 144 19.55 14.95 -12.11
CA LEU B 144 18.12 15.08 -11.83
C LEU B 144 17.32 13.92 -12.39
N THR B 145 17.82 13.26 -13.44
CA THR B 145 17.10 12.15 -14.05
C THR B 145 16.73 11.10 -13.02
N ASN B 146 17.69 10.68 -12.20
CA ASN B 146 17.48 9.63 -11.23
C ASN B 146 17.08 10.15 -9.85
N TRP B 147 17.17 11.47 -9.62
CA TRP B 147 16.55 12.04 -8.43
C TRP B 147 15.07 11.69 -8.37
N ILE B 148 14.39 11.73 -9.52
CA ILE B 148 12.95 11.53 -9.58
C ILE B 148 12.64 10.07 -9.88
N GLU B 149 13.62 9.18 -9.70
CA GLU B 149 13.35 7.75 -9.87
C GLU B 149 12.32 7.27 -8.86
N THR B 150 12.48 7.66 -7.59
CA THR B 150 11.60 7.12 -6.55
C THR B 150 10.16 7.53 -6.79
N ILE B 151 9.93 8.78 -7.17
CA ILE B 151 8.58 9.25 -7.48
C ILE B 151 8.02 8.46 -8.67
N LEU B 152 8.82 8.29 -9.72
CA LEU B 152 8.32 7.68 -10.95
C LEU B 152 8.05 6.19 -10.77
N VAL B 153 8.91 5.51 -10.01
CA VAL B 153 8.80 4.05 -9.87
C VAL B 153 7.50 3.66 -9.19
N GLN B 154 6.94 4.55 -8.37
CA GLN B 154 5.67 4.26 -7.70
C GLN B 154 4.53 4.07 -8.68
N SER B 155 4.74 4.31 -9.97
CA SER B 155 3.76 3.94 -10.98
C SER B 155 3.60 2.43 -11.10
N TRP B 156 4.51 1.65 -10.50
CA TRP B 156 4.31 0.20 -10.42
C TRP B 156 2.94 -0.14 -9.86
N TYR B 157 2.42 0.68 -8.94
CA TYR B 157 1.22 0.30 -8.21
C TYR B 157 -0.03 0.45 -9.07
N PRO B 158 -0.29 1.61 -9.69
CA PRO B 158 -1.44 1.67 -10.62
C PRO B 158 -1.28 0.75 -11.81
N ILE B 159 -0.06 0.48 -12.25
CA ILE B 159 0.13 -0.48 -13.34
C ILE B 159 -0.22 -1.89 -12.88
N THR B 160 0.17 -2.26 -11.67
CA THR B 160 -0.07 -3.61 -11.19
C THR B 160 -1.53 -3.83 -10.83
N VAL B 161 -2.20 -2.81 -10.30
CA VAL B 161 -3.62 -2.93 -9.99
C VAL B 161 -4.42 -3.12 -11.27
N ALA B 162 -4.13 -2.29 -12.29
CA ALA B 162 -4.84 -2.37 -13.56
C ALA B 162 -4.59 -3.70 -14.25
N THR B 163 -3.34 -4.16 -14.23
CA THR B 163 -3.01 -5.45 -14.85
C THR B 163 -3.71 -6.59 -14.12
N ASN B 164 -3.59 -6.63 -12.80
CA ASN B 164 -4.20 -7.72 -12.03
C ASN B 164 -5.72 -7.71 -12.17
N SER B 165 -6.32 -6.52 -12.21
CA SER B 165 -7.76 -6.42 -12.37
C SER B 165 -8.20 -6.89 -13.76
N ARG B 166 -7.44 -6.52 -14.79
CA ARG B 166 -7.78 -6.92 -16.15
C ARG B 166 -7.60 -8.42 -16.35
N GLU B 167 -6.63 -9.03 -15.67
CA GLU B 167 -6.48 -10.48 -15.78
C GLU B 167 -7.68 -11.20 -15.16
N GLN B 168 -8.23 -10.66 -14.07
CA GLN B 168 -9.43 -11.23 -13.49
C GLN B 168 -10.63 -11.02 -14.41
N LYS B 169 -10.64 -9.92 -15.17
CA LYS B 169 -11.69 -9.71 -16.16
C LYS B 169 -11.61 -10.74 -17.27
N LYS B 170 -10.38 -11.15 -17.64
CA LYS B 170 -10.20 -12.22 -18.62
C LYS B 170 -10.85 -13.51 -18.14
N ILE B 171 -10.53 -13.92 -16.91
CA ILE B 171 -11.14 -15.11 -16.31
C ILE B 171 -12.65 -15.00 -16.34
N LEU B 172 -13.18 -13.88 -15.85
CA LEU B 172 -14.63 -13.68 -15.83
C LEU B 172 -15.22 -13.74 -17.23
N ALA B 173 -14.54 -13.10 -18.20
CA ALA B 173 -15.05 -13.08 -19.56
C ALA B 173 -15.15 -14.49 -20.13
N LYS B 174 -14.12 -15.31 -19.92
CA LYS B 174 -14.11 -16.68 -20.42
C LYS B 174 -15.30 -17.48 -19.90
N TYR B 175 -15.54 -17.44 -18.59
CA TYR B 175 -16.55 -18.29 -18.00
C TYR B 175 -17.97 -17.74 -18.20
N LEU B 176 -18.14 -16.42 -18.20
CA LEU B 176 -19.43 -15.85 -18.53
C LEU B 176 -19.84 -16.24 -19.95
N LEU B 177 -18.91 -16.14 -20.88
CA LEU B 177 -19.17 -16.49 -22.27
C LEU B 177 -19.46 -17.98 -22.40
N GLU B 178 -18.74 -18.82 -21.70
CA GLU B 178 -19.02 -20.23 -21.81
C GLU B 178 -20.40 -20.59 -21.24
N THR B 179 -20.74 -20.03 -20.09
CA THR B 179 -22.00 -20.34 -19.44
C THR B 179 -23.27 -19.59 -19.87
N SER B 180 -23.15 -18.41 -20.46
CA SER B 180 -24.31 -17.64 -20.88
C SER B 180 -24.44 -17.33 -22.38
N GLY B 181 -23.33 -17.44 -23.08
CA GLY B 181 -23.28 -17.16 -24.50
C GLY B 181 -22.99 -15.71 -24.86
N ASN B 182 -22.73 -14.89 -23.87
CA ASN B 182 -22.41 -13.48 -24.06
C ASN B 182 -21.64 -12.87 -22.87
N LEU B 183 -21.35 -11.58 -22.97
CA LEU B 183 -20.62 -10.86 -21.95
C LEU B 183 -21.44 -9.76 -21.25
N ASP B 184 -22.75 -9.90 -21.27
CA ASP B 184 -23.58 -8.88 -20.66
C ASP B 184 -23.23 -8.78 -19.18
N GLY B 185 -23.07 -7.54 -18.73
CA GLY B 185 -22.76 -7.24 -17.35
C GLY B 185 -21.37 -7.59 -16.87
N LEU B 186 -20.46 -7.89 -17.80
CA LEU B 186 -19.10 -8.27 -17.46
C LEU B 186 -18.35 -7.19 -16.70
N GLU B 187 -18.56 -5.94 -17.08
CA GLU B 187 -17.92 -4.78 -16.45
C GLU B 187 -18.32 -4.51 -14.99
N TYR B 188 -19.43 -5.08 -14.53
CA TYR B 188 -19.90 -5.00 -13.17
C TYR B 188 -19.59 -6.29 -12.34
N LYS B 189 -18.77 -7.24 -12.80
CA LYS B 189 -18.63 -8.50 -12.10
C LYS B 189 -17.56 -8.50 -11.01
N LEU B 190 -16.66 -7.52 -11.00
CA LEU B 190 -15.62 -7.42 -9.95
C LEU B 190 -15.74 -6.06 -9.30
N HIS B 191 -16.19 -6.04 -8.05
CA HIS B 191 -16.47 -4.80 -7.33
C HIS B 191 -15.38 -4.49 -6.31
N ASP B 192 -14.96 -3.23 -6.27
CA ASP B 192 -13.87 -2.77 -5.43
C ASP B 192 -14.39 -2.55 -4.01
N PHE B 193 -14.00 -3.44 -3.08
CA PHE B 193 -14.34 -3.34 -1.68
C PHE B 193 -13.17 -2.85 -0.82
N GLY B 194 -12.08 -2.41 -1.44
CA GLY B 194 -10.80 -2.31 -0.75
C GLY B 194 -10.46 -1.03 -0.03
N TYR B 195 -11.40 -0.08 0.09
CA TYR B 195 -11.08 1.22 0.68
C TYR B 195 -10.44 1.07 2.06
N ARG B 196 -11.06 0.30 2.95
CA ARG B 196 -10.53 0.16 4.30
C ARG B 196 -9.28 -0.71 4.33
N GLY B 197 -9.08 -1.55 3.32
CA GLY B 197 -8.00 -2.52 3.29
C GLY B 197 -6.68 -2.04 2.73
N VAL B 198 -6.56 -0.76 2.39
CA VAL B 198 -5.32 -0.25 1.82
C VAL B 198 -4.56 0.55 2.86
N SER B 199 -3.37 1.04 2.49
CA SER B 199 -2.45 1.62 3.44
C SER B 199 -2.66 3.11 3.67
N SER B 200 -3.48 3.78 2.86
CA SER B 200 -3.67 5.21 3.03
C SER B 200 -4.80 5.68 2.12
N GLN B 201 -5.20 6.94 2.33
CA GLN B 201 -6.21 7.57 1.48
C GLN B 201 -5.71 7.74 0.05
N GLU B 202 -4.46 8.18 -0.11
CA GLU B 202 -3.93 8.40 -1.45
C GLU B 202 -3.84 7.09 -2.23
N THR B 203 -3.40 6.02 -1.57
CA THR B 203 -3.40 4.70 -2.20
C THR B 203 -4.80 4.31 -2.66
N ALA B 204 -5.81 4.59 -1.83
CA ALA B 204 -7.18 4.23 -2.16
C ALA B 204 -7.64 4.89 -3.45
N GLY B 205 -7.32 6.17 -3.63
CA GLY B 205 -7.72 6.85 -4.86
C GLY B 205 -7.01 6.28 -6.07
N ILE B 206 -5.69 6.06 -5.95
CA ILE B 206 -4.91 5.58 -7.08
C ILE B 206 -5.35 4.17 -7.48
N GLY B 207 -5.47 3.27 -6.50
CA GLY B 207 -5.79 1.89 -6.82
C GLY B 207 -7.21 1.70 -7.31
N ALA B 208 -8.16 2.49 -6.80
CA ALA B 208 -9.54 2.38 -7.27
C ALA B 208 -9.67 2.88 -8.70
N SER B 209 -8.83 3.84 -9.10
CA SER B 209 -8.88 4.34 -10.47
C SER B 209 -8.23 3.36 -11.43
N ALA B 210 -7.20 2.63 -10.98
CA ALA B 210 -6.63 1.58 -11.82
C ALA B 210 -7.61 0.43 -12.01
N HIS B 211 -8.50 0.21 -11.04
CA HIS B 211 -9.54 -0.80 -11.22
C HIS B 211 -10.61 -0.34 -12.19
N LEU B 212 -10.97 0.94 -12.14
CA LEU B 212 -12.01 1.46 -13.04
C LEU B 212 -11.57 1.51 -14.49
N VAL B 213 -10.29 1.27 -14.77
CA VAL B 213 -9.84 1.10 -16.14
C VAL B 213 -10.53 -0.12 -16.77
N ASN B 214 -10.87 -1.11 -15.96
CA ASN B 214 -11.43 -2.37 -16.46
C ASN B 214 -12.89 -2.60 -16.09
N PHE B 215 -13.36 -2.03 -14.98
CA PHE B 215 -14.69 -2.31 -14.45
C PHE B 215 -15.39 -1.01 -14.10
N LYS B 216 -16.67 -1.10 -13.74
CA LYS B 216 -17.47 0.11 -13.41
C LYS B 216 -17.91 0.13 -11.94
N GLY B 217 -17.72 -0.97 -11.22
CA GLY B 217 -18.17 -1.01 -9.85
C GLY B 217 -17.15 -0.75 -8.78
N THR B 218 -17.44 0.25 -7.96
CA THR B 218 -16.57 0.62 -6.87
C THR B 218 -17.23 1.18 -5.61
N ASP B 219 -16.73 0.79 -4.45
CA ASP B 219 -17.15 1.34 -3.18
C ASP B 219 -16.13 2.31 -2.64
N THR B 220 -15.04 2.48 -3.35
CA THR B 220 -14.00 3.43 -2.96
C THR B 220 -14.31 4.74 -3.70
N VAL B 221 -14.94 5.72 -3.07
CA VAL B 221 -15.33 7.02 -3.68
C VAL B 221 -14.09 7.83 -4.11
N ALA B 222 -13.01 7.74 -3.35
CA ALA B 222 -11.79 8.52 -3.64
C ALA B 222 -11.36 8.38 -5.10
N GLY B 223 -11.39 7.17 -5.64
CA GLY B 223 -10.92 6.99 -7.01
C GLY B 223 -11.69 7.82 -8.01
N LEU B 224 -12.96 8.12 -7.72
CA LEU B 224 -13.76 8.92 -8.62
C LEU B 224 -13.19 10.32 -8.77
N ALA B 225 -12.88 10.97 -7.64
CA ALA B 225 -12.36 12.33 -7.70
C ALA B 225 -11.02 12.39 -8.41
N LEU B 226 -10.16 11.38 -8.16
CA LEU B 226 -8.87 11.33 -8.84
C LEU B 226 -9.04 11.31 -10.35
N ILE B 227 -9.99 10.52 -10.84
CA ILE B 227 -10.18 10.39 -12.28
C ILE B 227 -10.65 11.71 -12.88
N LYS B 228 -11.69 12.30 -12.28
CA LYS B 228 -12.24 13.55 -12.80
C LYS B 228 -11.20 14.66 -12.80
N LYS B 229 -10.32 14.67 -11.79
CA LYS B 229 -9.36 15.75 -11.64
C LYS B 229 -8.17 15.60 -12.58
N TYR B 230 -7.71 14.37 -12.82
CA TYR B 230 -6.47 14.15 -13.54
C TYR B 230 -6.65 13.49 -14.90
N TYR B 231 -7.82 12.95 -15.21
CA TYR B 231 -7.99 12.19 -16.45
C TYR B 231 -9.25 12.61 -17.19
N GLY B 232 -10.39 12.52 -16.51
CA GLY B 232 -11.68 12.94 -17.04
C GLY B 232 -12.50 11.92 -17.81
N THR B 233 -13.81 12.09 -17.77
CA THR B 233 -14.74 11.23 -18.48
C THR B 233 -15.94 12.02 -19.01
N LYS B 234 -16.49 11.55 -20.13
CA LYS B 234 -17.67 12.15 -20.74
C LYS B 234 -18.88 11.99 -19.80
N ASP B 235 -18.95 10.82 -19.17
CA ASP B 235 -20.01 10.49 -18.23
C ASP B 235 -19.84 11.27 -16.93
N PRO B 236 -20.93 11.44 -16.18
CA PRO B 236 -20.82 12.21 -14.93
C PRO B 236 -19.83 11.55 -13.96
N VAL B 237 -19.87 10.22 -13.84
CA VAL B 237 -18.95 9.50 -12.97
C VAL B 237 -18.43 8.20 -13.58
N PRO B 238 -17.17 7.87 -13.27
CA PRO B 238 -16.44 6.66 -13.69
C PRO B 238 -16.99 5.35 -13.13
N GLY B 239 -17.40 5.38 -11.86
CA GLY B 239 -17.89 4.19 -11.18
C GLY B 239 -19.25 4.31 -10.50
N TYR B 240 -19.87 3.17 -10.28
CA TYR B 240 -21.19 3.11 -9.67
C TYR B 240 -21.31 2.10 -8.53
N SER B 241 -22.32 2.29 -7.69
CA SER B 241 -22.61 1.41 -6.55
C SER B 241 -24.11 1.29 -6.23
N VAL B 242 -24.48 0.31 -5.40
CA VAL B 242 -25.87 0.10 -5.00
C VAL B 242 -25.94 0.12 -3.48
N PRO B 243 -27.12 0.34 -2.91
CA PRO B 243 -27.25 0.26 -1.45
C PRO B 243 -26.94 -1.14 -0.95
N ALA B 244 -26.31 -1.21 0.22
CA ALA B 244 -25.87 -2.49 0.74
C ALA B 244 -25.74 -2.43 2.25
N ALA B 245 -25.99 -3.56 2.90
CA ALA B 245 -25.87 -3.66 4.35
C ALA B 245 -24.48 -4.12 4.75
N GLU B 246 -24.11 -3.76 5.98
CA GLU B 246 -22.95 -4.29 6.67
C GLU B 246 -23.42 -5.03 7.92
N HIS B 247 -22.48 -5.63 8.65
CA HIS B 247 -22.89 -6.41 9.82
C HIS B 247 -23.48 -5.52 10.90
N SER B 248 -23.01 -4.27 11.02
CA SER B 248 -23.53 -3.39 12.05
C SER B 248 -25.01 -3.07 11.82
N THR B 249 -25.40 -2.84 10.57
CA THR B 249 -26.80 -2.50 10.32
C THR B 249 -27.72 -3.69 10.46
N ILE B 250 -27.20 -4.91 10.38
CA ILE B 250 -27.99 -6.11 10.69
C ILE B 250 -27.97 -6.43 12.17
N THR B 251 -26.78 -6.56 12.75
CA THR B 251 -26.66 -7.00 14.13
C THR B 251 -27.23 -5.98 15.12
N ALA B 252 -27.31 -4.70 14.74
CA ALA B 252 -27.86 -3.70 15.64
C ALA B 252 -29.30 -3.98 16.01
N TRP B 253 -30.01 -4.78 15.19
CA TRP B 253 -31.44 -5.09 15.45
C TRP B 253 -31.56 -6.12 16.58
N GLY B 254 -30.48 -6.85 16.86
CA GLY B 254 -30.52 -7.92 17.88
C GLY B 254 -30.44 -9.30 17.25
N LYS B 255 -29.83 -10.25 17.95
CA LYS B 255 -29.64 -11.61 17.39
C LYS B 255 -30.98 -12.26 17.01
N ASP B 256 -32.04 -12.02 17.77
CA ASP B 256 -33.34 -12.69 17.50
C ASP B 256 -34.14 -11.88 16.47
N HIS B 257 -33.59 -10.79 15.97
CA HIS B 257 -34.36 -9.92 15.05
C HIS B 257 -33.69 -9.79 13.67
N GLU B 258 -32.88 -10.77 13.26
CA GLU B 258 -32.28 -10.70 11.93
C GLU B 258 -33.32 -10.59 10.85
N LYS B 259 -34.49 -11.22 11.04
CA LYS B 259 -35.53 -11.17 10.02
C LYS B 259 -36.13 -9.78 9.90
N ASP B 260 -36.28 -9.07 11.03
CA ASP B 260 -36.79 -7.70 10.98
C ASP B 260 -35.84 -6.78 10.23
N ALA B 261 -34.53 -6.97 10.43
CA ALA B 261 -33.55 -6.13 9.73
C ALA B 261 -33.60 -6.36 8.23
N PHE B 262 -33.62 -7.63 7.81
CA PHE B 262 -33.72 -7.96 6.39
C PHE B 262 -34.92 -7.28 5.76
N GLU B 263 -36.09 -7.46 6.37
CA GLU B 263 -37.33 -6.97 5.78
C GLU B 263 -37.37 -5.44 5.76
N HIS B 264 -36.81 -4.80 6.78
CA HIS B 264 -36.75 -3.34 6.80
C HIS B 264 -35.86 -2.81 5.69
N ILE B 265 -34.79 -3.52 5.35
CA ILE B 265 -33.83 -3.01 4.38
C ILE B 265 -34.31 -3.23 2.95
N VAL B 266 -34.92 -4.39 2.66
CA VAL B 266 -35.42 -4.60 1.31
C VAL B 266 -36.62 -3.71 1.03
N THR B 267 -37.32 -3.25 2.06
CA THR B 267 -38.42 -2.31 1.84
C THR B 267 -37.93 -0.88 1.77
N GLN B 268 -36.86 -0.53 2.49
CA GLN B 268 -36.28 0.80 2.35
C GLN B 268 -35.69 1.01 0.96
N PHE B 269 -35.15 -0.04 0.36
CA PHE B 269 -34.59 0.04 -0.99
C PHE B 269 -35.37 -0.91 -1.91
N SER B 270 -36.68 -0.69 -2.02
CA SER B 270 -37.53 -1.64 -2.79
C SER B 270 -37.42 -1.44 -4.30
N SER B 271 -36.93 -0.29 -4.76
CA SER B 271 -36.94 0.00 -6.22
C SER B 271 -35.54 0.01 -6.82
N VAL B 272 -34.52 -0.09 -5.98
CA VAL B 272 -33.13 -0.17 -6.52
C VAL B 272 -32.52 -1.53 -6.12
N PRO B 273 -31.48 -2.02 -6.81
CA PRO B 273 -30.79 -3.24 -6.38
C PRO B 273 -30.28 -3.08 -4.94
N VAL B 274 -30.34 -4.15 -4.15
CA VAL B 274 -29.94 -4.06 -2.71
C VAL B 274 -29.12 -5.28 -2.32
N SER B 275 -27.93 -5.07 -1.75
CA SER B 275 -27.12 -6.18 -1.29
C SER B 275 -27.28 -6.31 0.22
N VAL B 276 -27.51 -7.52 0.71
CA VAL B 276 -27.74 -7.76 2.12
C VAL B 276 -26.81 -8.87 2.59
N VAL B 277 -25.83 -8.50 3.42
CA VAL B 277 -24.98 -9.52 4.05
C VAL B 277 -25.84 -10.38 4.95
N SER B 278 -25.73 -11.70 4.78
CA SER B 278 -26.67 -12.63 5.41
C SER B 278 -25.96 -13.70 6.22
N ASP B 279 -24.68 -13.51 6.54
CA ASP B 279 -23.90 -14.48 7.28
C ASP B 279 -23.64 -14.06 8.73
N SER B 280 -24.35 -13.05 9.23
CA SER B 280 -24.13 -12.59 10.61
C SER B 280 -24.12 -13.74 11.59
N TYR B 281 -25.10 -14.63 11.48
CA TYR B 281 -25.27 -15.73 12.43
C TYR B 281 -25.24 -17.09 11.75
N ASP B 282 -25.98 -17.26 10.65
CA ASP B 282 -26.05 -18.54 9.96
C ASP B 282 -26.48 -18.26 8.52
N ILE B 283 -25.51 -18.26 7.61
CA ILE B 283 -25.78 -17.91 6.21
C ILE B 283 -26.80 -18.88 5.61
N TYR B 284 -26.69 -20.16 5.95
CA TYR B 284 -27.53 -21.16 5.30
C TYR B 284 -28.95 -21.13 5.85
N ASN B 285 -29.11 -20.83 7.13
CA ASN B 285 -30.45 -20.62 7.68
C ASN B 285 -31.11 -19.40 7.04
N ALA B 286 -30.34 -18.32 6.88
CA ALA B 286 -30.90 -17.10 6.32
C ALA B 286 -31.36 -17.31 4.89
N CYS B 287 -30.64 -18.12 4.12
CA CYS B 287 -31.04 -18.38 2.74
C CYS B 287 -32.25 -19.28 2.67
N GLU B 288 -32.17 -20.42 3.36
CA GLU B 288 -33.24 -21.38 3.38
C GLU B 288 -34.52 -20.95 4.09
N LYS B 289 -34.39 -20.33 5.26
CA LYS B 289 -35.58 -19.94 6.01
C LYS B 289 -36.02 -18.50 5.96
N ILE B 290 -35.12 -17.54 6.19
CA ILE B 290 -35.58 -16.16 6.14
C ILE B 290 -35.89 -15.64 4.74
N TRP B 291 -34.94 -15.75 3.81
CA TRP B 291 -35.17 -15.33 2.43
C TRP B 291 -36.08 -16.33 1.73
N GLY B 292 -35.79 -17.60 1.98
CA GLY B 292 -36.47 -18.73 1.40
C GLY B 292 -37.94 -18.91 1.75
N GLU B 293 -38.28 -18.62 3.00
CA GLU B 293 -39.65 -18.76 3.43
C GLU B 293 -40.30 -17.52 4.04
N ASP B 294 -39.75 -17.01 5.13
CA ASP B 294 -40.36 -15.88 5.81
C ASP B 294 -40.47 -14.63 4.97
N LEU B 295 -39.43 -14.29 4.23
CA LEU B 295 -39.43 -13.07 3.43
C LEU B 295 -39.52 -13.30 1.93
N ARG B 296 -39.91 -14.50 1.53
CA ARG B 296 -39.98 -14.87 0.12
C ARG B 296 -40.92 -13.98 -0.69
N HIS B 297 -42.03 -13.57 -0.09
CA HIS B 297 -43.00 -12.69 -0.76
C HIS B 297 -42.39 -11.33 -1.10
N LEU B 298 -41.54 -10.81 -0.24
CA LEU B 298 -40.89 -9.54 -0.49
C LEU B 298 -39.95 -9.67 -1.69
N ILE B 299 -39.26 -10.79 -1.78
CA ILE B 299 -38.36 -11.09 -2.88
C ILE B 299 -38.94 -11.33 -4.29
N VAL B 300 -39.99 -12.15 -4.38
CA VAL B 300 -40.57 -12.50 -5.69
C VAL B 300 -41.16 -11.32 -6.45
N SER B 301 -41.73 -10.39 -5.71
CA SER B 301 -42.32 -9.17 -6.24
C SER B 301 -41.29 -8.17 -6.82
N ARG B 302 -40.04 -8.29 -6.43
CA ARG B 302 -38.99 -7.39 -6.91
C ARG B 302 -38.73 -7.41 -8.41
N SER B 303 -38.44 -6.22 -8.93
CA SER B 303 -38.15 -5.98 -10.32
C SER B 303 -36.77 -6.50 -10.76
N THR B 304 -36.65 -6.75 -12.06
CA THR B 304 -35.46 -7.24 -12.72
C THR B 304 -34.35 -6.21 -12.56
N GLN B 305 -34.74 -4.95 -12.62
CA GLN B 305 -33.85 -3.82 -12.41
C GLN B 305 -33.39 -3.68 -10.95
N ALA B 306 -34.14 -4.22 -10.01
CA ALA B 306 -33.79 -4.09 -8.60
C ALA B 306 -33.81 -5.39 -7.83
N PRO B 307 -32.88 -6.30 -8.15
CA PRO B 307 -32.82 -7.57 -7.45
C PRO B 307 -32.26 -7.52 -6.04
N LEU B 308 -32.52 -8.59 -5.30
CA LEU B 308 -31.98 -8.77 -3.98
C LEU B 308 -30.69 -9.50 -4.25
N ILE B 309 -29.59 -8.99 -3.71
CA ILE B 309 -28.26 -9.58 -3.86
C ILE B 309 -27.85 -10.13 -2.50
N ILE B 310 -27.90 -11.44 -2.35
CA ILE B 310 -27.51 -12.08 -1.11
C ILE B 310 -25.99 -12.17 -1.06
N ARG B 311 -25.40 -11.68 0.02
CA ARG B 311 -23.94 -11.73 0.13
C ARG B 311 -23.44 -12.55 1.31
N PRO B 312 -22.73 -13.65 1.01
CA PRO B 312 -22.08 -14.49 2.03
C PRO B 312 -20.73 -13.86 2.32
N ASP B 313 -20.36 -13.74 3.59
CA ASP B 313 -19.10 -13.13 3.95
C ASP B 313 -18.12 -14.02 4.71
N SER B 314 -18.31 -15.33 4.67
CA SER B 314 -17.44 -16.21 5.43
C SER B 314 -17.44 -17.63 4.95
N GLY B 315 -16.51 -18.42 5.45
CA GLY B 315 -16.36 -19.79 5.10
C GLY B 315 -15.43 -19.97 3.94
N ASN B 316 -15.38 -21.16 3.39
CA ASN B 316 -14.58 -21.39 2.24
C ASN B 316 -15.31 -20.70 1.13
N PRO B 317 -14.61 -19.89 0.35
CA PRO B 317 -15.32 -19.11 -0.69
C PRO B 317 -16.05 -19.96 -1.71
N LEU B 318 -15.45 -21.07 -2.16
CA LEU B 318 -16.13 -21.89 -3.17
C LEU B 318 -17.24 -22.73 -2.55
N ASP B 319 -16.98 -23.34 -1.39
CA ASP B 319 -18.00 -24.19 -0.76
C ASP B 319 -19.24 -23.38 -0.39
N THR B 320 -19.03 -22.16 0.14
CA THR B 320 -20.17 -21.36 0.57
C THR B 320 -21.03 -20.95 -0.62
N VAL B 321 -20.39 -20.54 -1.72
CA VAL B 321 -21.15 -20.11 -2.90
C VAL B 321 -21.98 -21.26 -3.46
N LEU B 322 -21.40 -22.46 -3.50
CA LEU B 322 -22.12 -23.61 -4.03
C LEU B 322 -23.31 -23.99 -3.16
N LYS B 323 -23.09 -24.06 -1.84
CA LYS B 323 -24.19 -24.39 -0.94
C LYS B 323 -25.28 -23.32 -0.97
N VAL B 324 -24.88 -22.04 -1.01
CA VAL B 324 -25.85 -20.96 -1.11
C VAL B 324 -26.71 -21.14 -2.36
N LEU B 325 -26.08 -21.46 -3.50
CA LEU B 325 -26.83 -21.57 -4.74
C LEU B 325 -27.74 -22.80 -4.74
N GLU B 326 -27.28 -23.91 -4.17
CA GLU B 326 -28.13 -25.10 -4.05
C GLU B 326 -29.36 -24.80 -3.19
N ILE B 327 -29.16 -24.10 -2.07
CA ILE B 327 -30.28 -23.72 -1.21
C ILE B 327 -31.28 -22.86 -1.97
N LEU B 328 -30.79 -21.79 -2.60
CA LEU B 328 -31.67 -20.89 -3.33
C LEU B 328 -32.36 -21.60 -4.48
N GLY B 329 -31.65 -22.51 -5.15
CA GLY B 329 -32.23 -23.23 -6.27
C GLY B 329 -33.42 -24.09 -5.91
N LYS B 330 -33.53 -24.49 -4.63
CA LYS B 330 -34.62 -25.31 -4.17
C LYS B 330 -35.73 -24.52 -3.50
N LYS B 331 -35.54 -23.22 -3.27
CA LYS B 331 -36.59 -22.36 -2.77
C LYS B 331 -37.13 -21.40 -3.82
N PHE B 332 -36.47 -21.26 -4.96
CA PHE B 332 -36.84 -20.27 -5.97
C PHE B 332 -36.86 -20.93 -7.34
N PRO B 333 -37.68 -20.41 -8.26
CA PRO B 333 -37.83 -21.05 -9.58
C PRO B 333 -36.62 -20.86 -10.49
N VAL B 334 -35.82 -21.89 -10.64
CA VAL B 334 -34.64 -21.83 -11.50
C VAL B 334 -35.03 -22.18 -12.92
N THR B 335 -34.42 -21.48 -13.88
CA THR B 335 -34.52 -21.82 -15.29
C THR B 335 -33.20 -22.38 -15.79
N GLU B 336 -33.21 -22.88 -17.02
CA GLU B 336 -32.03 -23.40 -17.69
C GLU B 336 -31.82 -22.57 -18.96
N ASN B 337 -30.68 -21.92 -19.06
CA ASN B 337 -30.44 -21.03 -20.18
C ASN B 337 -30.09 -21.85 -21.43
N SER B 338 -29.87 -21.15 -22.54
CA SER B 338 -29.66 -21.82 -23.83
C SER B 338 -28.37 -22.62 -23.85
N LYS B 339 -27.42 -22.34 -22.98
CA LYS B 339 -26.22 -23.15 -22.87
C LYS B 339 -26.37 -24.30 -21.88
N GLY B 340 -27.53 -24.44 -21.26
CA GLY B 340 -27.76 -25.54 -20.33
C GLY B 340 -27.31 -25.27 -18.91
N TYR B 341 -27.14 -24.01 -18.53
CA TYR B 341 -26.68 -23.66 -17.19
C TYR B 341 -27.81 -23.02 -16.40
N LYS B 342 -27.86 -23.33 -15.11
CA LYS B 342 -28.98 -22.93 -14.28
C LYS B 342 -28.92 -21.44 -13.96
N LEU B 343 -30.09 -20.80 -13.96
CA LEU B 343 -30.19 -19.36 -13.77
C LEU B 343 -31.26 -19.07 -12.72
N LEU B 344 -30.86 -18.35 -11.67
CA LEU B 344 -31.80 -17.86 -10.68
C LEU B 344 -32.82 -16.93 -11.34
N PRO B 345 -33.98 -16.74 -10.71
CA PRO B 345 -34.93 -15.76 -11.24
C PRO B 345 -34.33 -14.37 -11.18
N PRO B 346 -34.73 -13.48 -12.10
CA PRO B 346 -34.01 -12.21 -12.26
C PRO B 346 -34.05 -11.30 -11.04
N TYR B 347 -34.97 -11.53 -10.10
CA TYR B 347 -35.02 -10.71 -8.89
C TYR B 347 -34.07 -11.19 -7.80
N LEU B 348 -33.23 -12.18 -8.10
CA LEU B 348 -32.37 -12.80 -7.09
C LEU B 348 -30.98 -13.01 -7.67
N ARG B 349 -29.97 -12.48 -6.97
CA ARG B 349 -28.58 -12.59 -7.39
C ARG B 349 -27.70 -12.79 -6.16
N VAL B 350 -26.41 -13.03 -6.41
CA VAL B 350 -25.45 -13.35 -5.35
C VAL B 350 -24.16 -12.56 -5.58
N ILE B 351 -23.51 -12.16 -4.48
CA ILE B 351 -22.18 -11.57 -4.54
C ILE B 351 -21.31 -12.22 -3.47
N GLN B 352 -20.14 -12.71 -3.88
CA GLN B 352 -19.13 -13.22 -2.97
C GLN B 352 -18.08 -12.14 -2.79
N GLY B 353 -18.00 -11.56 -1.59
CA GLY B 353 -17.12 -10.42 -1.40
C GLY B 353 -16.09 -10.61 -0.30
N ASP B 354 -15.70 -11.85 -0.02
CA ASP B 354 -14.78 -12.15 1.05
C ASP B 354 -13.82 -13.24 0.58
N GLY B 355 -12.52 -13.01 0.80
CA GLY B 355 -11.53 -13.98 0.38
C GLY B 355 -11.34 -14.10 -1.11
N VAL B 356 -11.68 -13.06 -1.87
CA VAL B 356 -11.60 -13.10 -3.33
C VAL B 356 -10.28 -12.47 -3.78
N ASP B 357 -9.46 -13.26 -4.48
CA ASP B 357 -8.34 -12.75 -5.24
C ASP B 357 -8.34 -13.47 -6.59
N ILE B 358 -7.30 -13.25 -7.39
CA ILE B 358 -7.31 -13.80 -8.75
C ILE B 358 -7.29 -15.33 -8.72
N ASN B 359 -6.64 -15.92 -7.71
CA ASN B 359 -6.56 -17.36 -7.65
C ASN B 359 -7.88 -17.97 -7.22
N THR B 360 -8.50 -17.44 -6.16
CA THR B 360 -9.76 -18.00 -5.69
C THR B 360 -10.91 -17.65 -6.62
N LEU B 361 -10.85 -16.48 -7.27
CA LEU B 361 -11.86 -16.16 -8.29
C LEU B 361 -11.93 -17.25 -9.35
N GLN B 362 -10.76 -17.72 -9.80
CA GLN B 362 -10.71 -18.78 -10.79
C GLN B 362 -11.29 -20.08 -10.25
N GLU B 363 -11.06 -20.38 -8.97
CA GLU B 363 -11.59 -21.60 -8.38
C GLU B 363 -13.11 -21.54 -8.27
N ILE B 364 -13.66 -20.35 -8.04
CA ILE B 364 -15.10 -20.24 -7.82
C ILE B 364 -15.86 -20.44 -9.13
N VAL B 365 -15.49 -19.70 -10.17
CA VAL B 365 -16.23 -19.80 -11.42
C VAL B 365 -16.04 -21.18 -12.06
N GLU B 366 -14.87 -21.79 -11.88
CA GLU B 366 -14.68 -23.15 -12.35
C GLU B 366 -15.54 -24.13 -11.57
N GLY B 367 -15.65 -23.93 -10.26
CA GLY B 367 -16.53 -24.77 -9.47
C GLY B 367 -17.99 -24.57 -9.81
N MET B 368 -18.37 -23.31 -10.10
CA MET B 368 -19.75 -23.04 -10.52
C MET B 368 -20.05 -23.71 -11.85
N LYS B 369 -19.08 -23.71 -12.77
CA LYS B 369 -19.31 -24.33 -14.07
C LYS B 369 -19.49 -25.84 -13.95
N GLN B 370 -18.68 -26.48 -13.08
CA GLN B 370 -18.82 -27.92 -12.91
C GLN B 370 -20.17 -28.30 -12.33
N LYS B 371 -20.73 -27.43 -11.48
CA LYS B 371 -22.07 -27.65 -10.92
C LYS B 371 -23.17 -27.08 -11.82
N MET B 372 -22.83 -26.64 -13.03
CA MET B 372 -23.79 -26.20 -14.03
C MET B 372 -24.55 -24.94 -13.59
N TRP B 373 -23.85 -24.03 -12.92
CA TRP B 373 -24.41 -22.73 -12.57
C TRP B 373 -23.82 -21.66 -13.48
N SER B 374 -24.69 -20.80 -14.01
CA SER B 374 -24.23 -19.73 -14.88
C SER B 374 -23.50 -18.66 -14.07
N ILE B 375 -22.47 -18.07 -14.68
CA ILE B 375 -21.79 -16.94 -14.05
C ILE B 375 -22.68 -15.71 -13.99
N GLU B 376 -23.79 -15.71 -14.74
CA GLU B 376 -24.79 -14.66 -14.64
C GLU B 376 -25.31 -14.50 -13.22
N ASN B 377 -25.33 -15.57 -12.44
CA ASN B 377 -25.91 -15.55 -11.10
C ASN B 377 -25.08 -14.75 -10.10
N ILE B 378 -23.82 -14.45 -10.41
CA ILE B 378 -22.87 -14.05 -9.39
C ILE B 378 -22.07 -12.84 -9.83
N ALA B 379 -21.62 -12.06 -8.84
CA ALA B 379 -20.57 -11.07 -8.99
C ALA B 379 -19.60 -11.27 -7.84
N PHE B 380 -18.47 -10.57 -7.91
CA PHE B 380 -17.47 -10.73 -6.88
C PHE B 380 -17.02 -9.38 -6.35
N GLY B 381 -16.77 -9.36 -5.06
CA GLY B 381 -16.27 -8.19 -4.36
C GLY B 381 -14.93 -8.58 -3.78
N SER B 382 -13.92 -7.76 -4.01
CA SER B 382 -12.59 -8.00 -3.51
C SER B 382 -12.03 -6.74 -2.86
N GLY B 383 -11.36 -6.90 -1.73
CA GLY B 383 -10.78 -5.75 -1.06
C GLY B 383 -9.27 -5.76 -1.04
N GLY B 384 -8.70 -6.51 -0.11
CA GLY B 384 -7.26 -6.63 0.02
C GLY B 384 -6.61 -7.25 -1.20
N GLY B 385 -7.27 -8.25 -1.78
CA GLY B 385 -6.73 -8.87 -2.97
C GLY B 385 -6.65 -7.88 -4.12
N LEU B 386 -7.70 -7.09 -4.31
CA LEU B 386 -7.72 -6.11 -5.38
C LEU B 386 -6.75 -4.93 -5.25
N LEU B 387 -6.68 -4.34 -4.07
CA LEU B 387 -5.85 -3.15 -3.87
C LEU B 387 -4.62 -3.24 -2.96
N GLN B 388 -4.58 -4.17 -2.01
CA GLN B 388 -3.43 -4.18 -1.14
C GLN B 388 -2.43 -5.32 -1.24
N LYS B 389 -2.87 -6.50 -1.66
CA LYS B 389 -1.95 -7.65 -1.74
C LYS B 389 -1.16 -7.68 -3.07
N LEU B 390 -0.36 -6.66 -3.30
CA LEU B 390 0.41 -6.52 -4.51
C LEU B 390 1.74 -5.86 -4.19
N THR B 391 2.76 -6.19 -4.96
CA THR B 391 4.09 -5.63 -4.79
C THR B 391 4.75 -5.38 -6.13
N ARG B 392 5.76 -4.54 -6.07
CA ARG B 392 6.58 -4.22 -7.23
C ARG B 392 7.32 -5.46 -7.79
N ASP B 393 7.56 -6.45 -6.95
CA ASP B 393 8.12 -7.72 -7.29
C ASP B 393 7.22 -8.49 -8.29
N LEU B 394 5.91 -8.35 -8.19
CA LEU B 394 4.97 -9.13 -8.99
C LEU B 394 5.10 -8.96 -10.50
N LEU B 395 5.22 -7.74 -11.00
CA LEU B 395 5.47 -7.52 -12.42
C LEU B 395 6.94 -7.12 -12.63
N ASN B 396 7.72 -7.14 -11.56
CA ASN B 396 9.12 -6.75 -11.62
C ASN B 396 9.38 -5.39 -12.23
N CYS B 397 8.62 -4.39 -11.80
CA CYS B 397 8.79 -3.04 -12.30
C CYS B 397 10.15 -2.51 -11.85
N SER B 398 10.90 -1.98 -12.82
CA SER B 398 12.27 -1.53 -12.62
C SER B 398 12.60 -0.24 -13.37
N PHE B 399 13.53 0.50 -12.79
CA PHE B 399 14.00 1.77 -13.34
C PHE B 399 15.52 1.73 -13.34
N LYS B 400 16.12 1.79 -14.53
CA LYS B 400 17.56 1.63 -14.65
C LYS B 400 18.10 2.62 -15.67
N CYS B 401 19.34 3.06 -15.45
CA CYS B 401 20.02 3.93 -16.39
C CYS B 401 20.59 3.11 -17.55
N SER B 402 20.36 3.58 -18.78
CA SER B 402 20.80 2.86 -19.96
C SER B 402 21.73 3.65 -20.87
N TYR B 403 21.92 4.95 -20.64
CA TYR B 403 22.71 5.78 -21.55
C TYR B 403 23.17 7.02 -20.80
N VAL B 404 24.44 7.36 -20.95
CA VAL B 404 25.00 8.60 -20.40
C VAL B 404 25.92 9.20 -21.45
N VAL B 405 26.08 10.52 -21.39
CA VAL B 405 27.05 11.24 -22.19
C VAL B 405 28.11 11.79 -21.26
N THR B 406 29.36 11.38 -21.49
CA THR B 406 30.50 11.81 -20.70
C THR B 406 31.59 12.28 -21.65
N ASN B 407 32.07 13.51 -21.43
CA ASN B 407 33.11 14.11 -22.27
C ASN B 407 32.69 14.15 -23.73
N GLY B 408 31.39 14.42 -23.96
CA GLY B 408 30.85 14.51 -25.30
C GLY B 408 30.50 13.19 -25.94
N LEU B 409 30.92 12.06 -25.38
CA LEU B 409 30.69 10.74 -25.96
C LEU B 409 29.57 10.03 -25.22
N GLY B 410 28.59 9.53 -25.96
CA GLY B 410 27.57 8.69 -25.37
C GLY B 410 28.07 7.27 -25.23
N ILE B 411 27.67 6.62 -24.14
CA ILE B 411 28.04 5.22 -23.89
C ILE B 411 26.79 4.47 -23.44
N ASN B 412 26.67 3.22 -23.89
CA ASN B 412 25.57 2.37 -23.48
C ASN B 412 25.87 1.75 -22.12
N VAL B 413 24.92 1.88 -21.20
CA VAL B 413 25.13 1.57 -19.78
C VAL B 413 24.11 0.53 -19.35
N PHE B 414 24.53 -0.38 -18.48
CA PHE B 414 23.68 -1.50 -18.07
C PHE B 414 24.31 -2.18 -16.86
N LYS B 415 23.48 -2.96 -16.17
CA LYS B 415 23.95 -3.87 -15.13
C LYS B 415 23.72 -5.32 -15.57
N ASP B 416 24.53 -6.22 -15.04
CA ASP B 416 24.50 -7.63 -15.43
C ASP B 416 25.06 -8.48 -14.30
N PRO B 417 24.33 -8.58 -13.19
CA PRO B 417 24.84 -9.30 -12.03
C PRO B 417 25.11 -10.76 -12.36
N VAL B 418 26.20 -11.29 -11.84
CA VAL B 418 26.56 -12.68 -12.10
C VAL B 418 25.54 -13.66 -11.56
N ALA B 419 25.03 -13.38 -10.38
CA ALA B 419 24.04 -14.24 -9.74
C ALA B 419 22.71 -14.32 -10.46
N ASP B 420 22.26 -13.22 -11.03
CA ASP B 420 20.96 -13.21 -11.69
C ASP B 420 20.88 -12.59 -13.09
N PRO B 421 20.57 -13.42 -14.09
CA PRO B 421 20.33 -13.08 -15.50
C PRO B 421 19.07 -12.20 -15.65
N ASN B 422 18.09 -12.42 -14.78
CA ASN B 422 16.85 -11.65 -14.79
C ASN B 422 17.06 -10.16 -14.52
N LYS B 423 18.05 -9.82 -13.71
CA LYS B 423 18.38 -8.42 -13.37
C LYS B 423 19.12 -7.63 -14.46
N ARG B 424 19.51 -8.29 -15.55
CA ARG B 424 20.19 -7.58 -16.63
C ARG B 424 19.30 -6.47 -17.19
N SER B 425 19.89 -5.31 -17.39
CA SER B 425 19.20 -4.14 -17.91
C SER B 425 19.48 -3.94 -19.40
N LYS B 426 18.66 -3.12 -20.05
CA LYS B 426 18.84 -2.84 -21.47
C LYS B 426 19.96 -1.81 -21.68
N LYS B 427 20.39 -1.69 -22.93
CA LYS B 427 21.55 -0.89 -23.30
C LYS B 427 21.15 0.27 -24.20
N GLY B 428 21.62 1.47 -23.86
CA GLY B 428 21.56 2.59 -24.77
C GLY B 428 20.21 3.28 -24.86
N ARG B 429 20.05 4.03 -25.94
CA ARG B 429 18.81 4.76 -26.20
C ARG B 429 17.76 3.81 -26.73
N LEU B 430 16.54 3.91 -26.18
CA LEU B 430 15.50 2.92 -26.40
C LEU B 430 14.32 3.50 -27.17
N SER B 431 13.63 2.63 -27.87
CA SER B 431 12.46 2.98 -28.64
C SER B 431 11.51 1.77 -28.65
N LEU B 432 10.21 2.03 -28.73
CA LEU B 432 9.19 1.00 -28.73
C LEU B 432 8.48 0.91 -30.10
N HIS B 433 8.52 -0.27 -30.70
CA HIS B 433 7.95 -0.46 -32.04
C HIS B 433 7.00 -1.63 -32.25
N ARG B 434 6.17 -1.50 -33.26
CA ARG B 434 5.27 -2.54 -33.69
C ARG B 434 6.09 -3.37 -34.61
N THR B 435 6.00 -4.68 -34.46
CA THR B 435 6.68 -5.61 -35.34
C THR B 435 5.81 -5.86 -36.58
N PRO B 436 6.35 -6.56 -37.58
CA PRO B 436 5.63 -6.90 -38.82
C PRO B 436 4.40 -7.77 -38.52
N ALA B 437 4.49 -8.66 -37.53
CA ALA B 437 3.39 -9.54 -37.14
C ALA B 437 2.40 -8.90 -36.17
N GLY B 438 2.58 -7.64 -35.85
CA GLY B 438 1.70 -6.95 -34.95
C GLY B 438 2.03 -6.95 -33.48
N ASN B 439 3.18 -7.49 -33.11
CA ASN B 439 3.64 -7.51 -31.73
C ASN B 439 4.50 -6.28 -31.42
N PHE B 440 5.11 -6.25 -30.25
CA PHE B 440 5.93 -5.12 -29.84
C PHE B 440 7.38 -5.49 -29.69
N VAL B 441 8.25 -4.53 -29.95
CA VAL B 441 9.67 -4.73 -29.75
C VAL B 441 10.32 -3.46 -29.22
N THR B 442 11.31 -3.62 -28.36
CA THR B 442 12.07 -2.51 -27.82
C THR B 442 13.45 -2.58 -28.47
N LEU B 443 13.81 -1.52 -29.18
CA LEU B 443 15.09 -1.44 -29.86
C LEU B 443 16.11 -0.74 -28.97
N GLU B 444 17.29 -1.34 -28.86
CA GLU B 444 18.35 -0.85 -27.99
C GLU B 444 19.44 -0.16 -28.81
N GLU B 445 20.31 0.55 -28.11
CA GLU B 445 21.51 1.16 -28.70
C GLU B 445 21.18 2.17 -29.80
N GLY B 446 20.06 2.88 -29.65
CA GLY B 446 19.68 3.88 -30.63
C GLY B 446 19.24 3.33 -31.97
N LYS B 447 19.14 2.00 -32.12
CA LYS B 447 18.83 1.40 -33.41
C LYS B 447 17.46 1.77 -33.95
N GLY B 448 16.58 2.34 -33.13
CA GLY B 448 15.34 2.89 -33.67
C GLY B 448 15.57 4.01 -34.66
N ASP B 449 16.75 4.65 -34.60
CA ASP B 449 17.08 5.70 -35.56
C ASP B 449 17.18 5.13 -36.98
N LEU B 450 17.54 3.86 -37.13
CA LEU B 450 17.67 3.27 -38.45
C LEU B 450 16.33 3.18 -39.18
N GLU B 451 15.21 3.27 -38.46
CA GLU B 451 13.88 3.43 -39.06
C GLU B 451 13.47 2.21 -39.89
N GLU B 452 13.83 1.02 -39.42
CA GLU B 452 13.38 -0.22 -40.05
C GLU B 452 12.09 -0.75 -39.44
N TYR B 453 11.57 -0.08 -38.40
CA TYR B 453 10.49 -0.61 -37.57
C TYR B 453 9.37 0.41 -37.36
N GLY B 454 9.30 1.44 -38.21
CA GLY B 454 8.17 2.38 -38.11
C GLY B 454 8.30 3.41 -37.01
N GLN B 455 7.18 4.04 -36.63
CA GLN B 455 7.21 5.15 -35.64
C GLN B 455 7.37 4.65 -34.21
N ASP B 456 8.15 5.36 -33.41
CA ASP B 456 8.29 5.01 -31.98
C ASP B 456 6.92 5.26 -31.32
N LEU B 457 6.41 4.29 -30.58
CA LEU B 457 5.09 4.43 -29.89
C LEU B 457 5.26 5.25 -28.61
N LEU B 458 6.50 5.58 -28.25
CA LEU B 458 6.74 6.44 -27.06
C LEU B 458 6.45 7.90 -27.46
N HIS B 459 5.75 8.63 -26.60
CA HIS B 459 5.41 10.05 -26.88
C HIS B 459 5.94 10.93 -25.75
N THR B 460 6.39 12.14 -26.08
CA THR B 460 6.81 13.09 -25.02
C THR B 460 5.57 13.52 -24.23
N VAL B 461 5.49 13.12 -22.97
CA VAL B 461 4.37 13.51 -22.11
C VAL B 461 4.76 14.60 -21.13
N PHE B 462 6.04 14.93 -21.01
CA PHE B 462 6.53 15.90 -20.05
C PHE B 462 7.85 16.45 -20.57
N LYS B 463 7.99 17.78 -20.56
CA LYS B 463 9.23 18.43 -20.99
C LYS B 463 9.37 19.76 -20.27
N ASN B 464 10.48 19.93 -19.55
CA ASN B 464 10.84 21.21 -18.94
C ASN B 464 9.70 21.78 -18.09
N GLY B 465 9.05 20.92 -17.33
CA GLY B 465 8.06 21.35 -16.36
C GLY B 465 6.62 21.31 -16.81
N LYS B 466 6.34 20.97 -18.06
CA LYS B 466 4.99 21.02 -18.59
C LYS B 466 4.56 19.65 -19.10
N VAL B 467 3.29 19.32 -18.84
CA VAL B 467 2.67 18.12 -19.39
C VAL B 467 2.30 18.39 -20.84
N THR B 468 2.91 17.65 -21.76
CA THR B 468 2.82 17.98 -23.18
C THR B 468 1.85 17.11 -23.96
N LYS B 469 1.42 15.99 -23.41
CA LYS B 469 0.32 15.23 -23.99
C LYS B 469 -0.37 14.47 -22.87
N SER B 470 -1.70 14.45 -22.91
CA SER B 470 -2.51 13.81 -21.88
C SER B 470 -3.60 12.98 -22.54
N TYR B 471 -4.17 12.07 -21.76
CA TYR B 471 -5.20 11.16 -22.22
C TYR B 471 -6.40 11.25 -21.28
N SER B 472 -7.59 11.13 -21.85
CA SER B 472 -8.79 11.05 -21.02
C SER B 472 -8.96 9.64 -20.50
N PHE B 473 -9.67 9.51 -19.38
CA PHE B 473 -9.95 8.18 -18.85
C PHE B 473 -10.77 7.36 -19.84
N ASP B 474 -11.51 8.01 -20.73
CA ASP B 474 -12.28 7.29 -21.74
C ASP B 474 -11.37 6.61 -22.75
N GLU B 475 -10.33 7.31 -23.21
CA GLU B 475 -9.40 6.69 -24.15
C GLU B 475 -8.58 5.61 -23.50
N ILE B 476 -8.33 5.73 -22.19
CA ILE B 476 -7.58 4.70 -21.47
C ILE B 476 -8.39 3.41 -21.39
N ARG B 477 -9.69 3.52 -21.08
CA ARG B 477 -10.53 2.33 -21.05
C ARG B 477 -10.59 1.67 -22.43
N LYS B 478 -10.65 2.47 -23.49
CA LYS B 478 -10.62 1.94 -24.84
C LYS B 478 -9.33 1.16 -25.10
N ASN B 479 -8.18 1.75 -24.75
CA ASN B 479 -6.90 1.11 -25.02
C ASN B 479 -6.75 -0.21 -24.28
N ALA B 480 -7.32 -0.32 -23.08
CA ALA B 480 -7.12 -1.49 -22.23
C ALA B 480 -8.14 -2.59 -22.46
N GLN B 481 -9.02 -2.43 -23.42
CA GLN B 481 -10.04 -3.44 -23.71
C GLN B 481 -9.49 -4.83 -24.00
N LEU B 482 -10.31 -5.82 -23.69
CA LEU B 482 -9.96 -7.19 -23.94
C LEU B 482 -10.18 -7.52 -25.40
N ASN B 483 -9.44 -8.50 -25.91
CA ASN B 483 -9.61 -8.95 -27.28
C ASN B 483 -10.99 -9.54 -27.49
N ILE B 484 -11.49 -10.27 -26.50
CA ILE B 484 -12.81 -10.86 -26.59
C ILE B 484 -13.88 -9.77 -26.74
N GLU B 485 -13.73 -8.63 -26.05
CA GLU B 485 -14.63 -7.50 -26.19
C GLU B 485 -14.54 -6.90 -27.62
N LEU B 486 -13.34 -6.84 -28.19
CA LEU B 486 -13.15 -6.31 -29.55
C LEU B 486 -13.79 -7.22 -30.61
N1 NCA C . 17.54 0.95 -2.22
C2 NCA C . 18.70 1.11 -1.62
C3 NCA C . 18.96 2.18 -0.85
C4 NCA C . 17.96 3.09 -0.69
C5 NCA C . 16.76 2.95 -1.29
C6 NCA C . 16.54 1.84 -2.08
C7 NCA C . 20.34 2.35 -0.17
O7 NCA C . 21.13 1.54 -0.33
N7 NCA C . 20.69 3.46 0.63
P PO4 D . -13.49 -8.48 8.63
O1 PO4 D . -12.48 -8.30 9.72
O2 PO4 D . -13.64 -7.21 7.86
O3 PO4 D . -13.08 -9.56 7.68
O4 PO4 D . -14.75 -8.85 9.30
C02 XI3 E . 29.08 2.84 14.20
C04 XI3 E . 29.63 2.18 11.71
C05 XI3 E . 28.93 0.84 11.27
C06 XI3 E . 28.96 -0.31 12.12
C07 XI3 E . 28.35 -1.52 11.76
C08 XI3 E . 27.67 -1.65 10.55
C10 XI3 E . 26.36 -2.16 8.42
C11 XI3 E . 26.82 -0.89 8.45
C12 XI3 E . 27.59 -0.53 9.66
C13 XI3 E . 28.23 0.67 10.06
C14 XI3 E . 28.27 3.72 15.23
C15 XI3 E . 27.08 2.89 15.85
C17 XI3 E . 25.98 1.05 14.31
C19 XI3 E . 26.01 -1.31 14.62
C21 XI3 E . 25.23 -0.59 12.56
C24 XI3 E . 24.06 1.06 9.47
C25 XI3 E . 23.03 0.35 8.85
C26 XI3 E . 22.47 0.66 7.58
C28 XI3 E . 22.97 1.79 6.84
C29 XI3 E . 22.39 2.11 5.49
C30 XI3 E . 24.00 2.50 7.46
C31 XI3 E . 24.53 2.17 8.73
C32 XI3 E . 25.02 1.53 11.84
C33 XI3 E . 25.44 0.78 12.96
C34 XI3 E . 25.59 3.60 14.06
C35 XI3 E . 26.63 4.67 13.61
C36 XI3 E . 27.72 4.99 14.64
F27 XI3 E . 21.51 -0.08 7.08
N03 XI3 E . 28.92 2.97 12.78
N16 XI3 E . 26.21 2.43 14.76
N18 XI3 E . 26.26 0.00 15.10
N20 XI3 E . 25.52 -1.66 13.42
N22 XI3 E . 24.71 -0.64 11.27
N23 XI3 E . 24.59 0.67 10.83
O01 XI3 E . 29.85 2.02 14.65
S09 XI3 E . 26.82 -3.01 9.87
CL CL F . -19.87 26.21 5.86
N1 NCA G . -17.20 -4.40 2.38
C2 NCA G . -18.36 -4.59 1.77
C3 NCA G . -18.87 -3.65 0.93
C4 NCA G . -18.16 -2.54 0.71
C5 NCA G . -16.96 -2.34 1.32
C6 NCA G . -16.47 -3.30 2.17
C7 NCA G . -20.25 -3.87 0.26
O7 NCA G . -20.85 -4.86 0.38
N7 NCA G . -20.83 -2.85 -0.55
P PO4 H . 15.13 -3.70 -8.97
O1 PO4 H . 16.59 -3.65 -9.35
O2 PO4 H . 14.42 -4.76 -9.78
O3 PO4 H . 14.51 -2.36 -9.26
O4 PO4 H . 15.02 -4.04 -7.50
C02 XI3 I . -28.81 -5.50 -14.01
C04 XI3 I . -28.87 -6.04 -11.44
C05 XI3 I . -27.87 -7.23 -11.18
C06 XI3 I . -27.70 -8.26 -12.12
C07 XI3 I . -26.81 -9.32 -11.92
C08 XI3 I . -26.05 -9.41 -10.75
C10 XI3 I . -24.55 -9.81 -8.73
C11 XI3 I . -25.28 -8.68 -8.62
C12 XI3 I . -26.18 -8.39 -9.76
C13 XI3 I . -27.08 -7.34 -10.02
C14 XI3 I . -28.45 -4.53 -15.20
C15 XI3 I . -27.21 -5.04 -15.98
C17 XI3 I . -25.37 -6.42 -14.67
C19 XI3 I . -24.62 -8.65 -15.04
C21 XI3 I . -24.08 -7.75 -12.98
C24 XI3 I . -23.46 -5.86 -9.87
C25 XI3 I . -22.30 -6.29 -9.21
C26 XI3 I . -21.88 -5.81 -7.94
C28 XI3 I . -22.66 -4.83 -7.25
C29 XI3 I . -22.21 -4.33 -5.93
C30 XI3 I . -23.81 -4.39 -7.92
C31 XI3 I . -24.21 -4.89 -9.19
C32 XI3 I . -24.57 -5.71 -12.20
C33 XI3 I . -24.75 -6.53 -13.34
C34 XI3 I . -25.70 -3.86 -14.49
C35 XI3 I . -26.92 -3.06 -13.92
C36 XI3 I . -28.20 -3.11 -14.76
F27 XI3 I . -20.78 -6.26 -7.39
N03 XI3 I . -28.57 -5.17 -12.62
N16 XI3 I . -26.08 -5.18 -15.06
N18 XI3 I . -25.31 -7.49 -15.48
N20 XI3 I . -24.01 -8.85 -13.87
N22 XI3 I . -23.54 -7.66 -11.69
N23 XI3 I . -23.86 -6.38 -11.22
O01 XI3 I . -29.29 -6.58 -14.29
S09 XI3 I . -24.89 -10.60 -10.24
#